data_2ZX8
#
_entry.id   2ZX8
#
_cell.length_a   180.075
_cell.length_b   180.075
_cell.length_c   169.610
_cell.angle_alpha   90.00
_cell.angle_beta   90.00
_cell.angle_gamma   120.00
#
_symmetry.space_group_name_H-M   'H 3 2'
#
loop_
_entity.id
_entity.type
_entity.pdbx_description
1 polymer 'Alpha-L-fucosidase, putative'
2 non-polymer N-{[(2R,3R,4R,5R,6S)-3,4,5-trihydroxy-6-methylpiperidin-2-yl]methyl}-1-benzofuran-2-carboxamide
3 water water
#
_entity_poly.entity_id   1
_entity_poly.type   'polypeptide(L)'
_entity_poly.pdbx_seq_one_letter_code
;MISMKPRYKPDWESLREHTVPKWFDKAKFGIFIHWGIYSVPGWATPTGELGKVPMDAWFFQNPYAEWYENSLRIKESPTW
EYHVKTYGENFEYEKFADLFTAEKWDPQEWADLFKKAGAKYVIPTTKHHDGFCLWGTKYTDFNSVKRGPKRDLVGDLAKA
VREAGLRFGVYYSGGLDWRFTTEPIRYPEDLSYIRPNTYEYADYAYKQVMELVDLYLPDVLWNDMGWPEKGKEDLKYLFA
YYYNKHPEGSVNDRWGVPHWDFKTAEYHVNYPGDLPGYKWEFTRGIGLSFGYNRNEGPEHMLSVEQLVYTLVDVVSKGGN
LLLNVGPKGDGTIPDLQKERLLGLGEWLRKYGDAIYGTSVWERCCAKTEDGTEIRFTRKCNRIFVIFLGIPTGEKIVIED
LNLSAGTVRHFLTGERLSFKNVGKNLEITVPKKLLETDSITLVLEAVEEHHHHHH
;
_entity_poly.pdbx_strand_id   A,B
#
loop_
_chem_comp.id
_chem_comp.type
_chem_comp.name
_chem_comp.formula
ZX8 non-polymer N-{[(2R,3R,4R,5R,6S)-3,4,5-trihydroxy-6-methylpiperidin-2-yl]methyl}-1-benzofuran-2-carboxamide 'C16 H20 N2 O5'
#
# COMPACT_ATOMS: atom_id res chain seq x y z
N ARG A 7 -1.36 -0.05 17.99
CA ARG A 7 -2.09 -1.31 17.68
C ARG A 7 -3.02 -1.21 16.42
N TYR A 8 -3.36 -2.34 15.83
CA TYR A 8 -4.34 -2.31 14.76
C TYR A 8 -5.69 -2.49 15.46
N LYS A 9 -6.71 -1.80 14.99
CA LYS A 9 -8.02 -1.92 15.59
C LYS A 9 -8.84 -2.80 14.71
N PRO A 10 -9.91 -3.40 15.28
CA PRO A 10 -10.81 -4.28 14.55
C PRO A 10 -11.83 -3.57 13.67
N ASP A 11 -11.35 -2.86 12.68
CA ASP A 11 -12.24 -2.27 11.68
C ASP A 11 -11.40 -2.09 10.38
N TRP A 12 -12.09 -2.17 9.27
CA TRP A 12 -11.44 -2.14 7.97
C TRP A 12 -10.59 -0.93 7.71
N GLU A 13 -10.98 0.21 8.27
CA GLU A 13 -10.24 1.46 8.07
C GLU A 13 -8.87 1.43 8.75
N SER A 14 -8.81 0.80 9.92
CA SER A 14 -7.56 0.69 10.67
C SER A 14 -6.67 -0.41 10.07
N LEU A 15 -7.32 -1.53 9.73
CA LEU A 15 -6.60 -2.66 9.14
C LEU A 15 -5.93 -2.27 7.81
N ARG A 16 -6.53 -1.31 7.11
CA ARG A 16 -6.01 -0.78 5.82
C ARG A 16 -4.54 -0.31 5.98
N GLU A 17 -4.21 0.17 7.17
CA GLU A 17 -2.87 0.59 7.51
C GLU A 17 -1.82 -0.50 7.34
N HIS A 18 -2.22 -1.77 7.38
CA HIS A 18 -1.28 -2.83 7.23
C HIS A 18 -1.15 -3.14 5.80
N THR A 19 0.06 -3.09 5.30
CA THR A 19 0.27 -3.46 3.92
C THR A 19 1.23 -4.62 3.84
N VAL A 20 1.39 -5.15 2.63
CA VAL A 20 2.25 -6.28 2.40
C VAL A 20 3.61 -6.05 3.00
N PRO A 21 4.05 -7.00 3.82
CA PRO A 21 5.35 -6.91 4.47
C PRO A 21 6.44 -6.99 3.42
N LYS A 22 7.52 -6.35 3.77
CA LYS A 22 8.69 -6.23 2.89
C LYS A 22 9.24 -7.60 2.54
N TRP A 23 9.40 -8.46 3.55
CA TRP A 23 9.94 -9.79 3.30
C TRP A 23 9.16 -10.51 2.16
N PHE A 24 7.83 -10.35 2.13
CA PHE A 24 7.05 -11.02 1.10
C PHE A 24 7.24 -10.41 -0.29
N ASP A 25 7.26 -9.10 -0.37
CA ASP A 25 7.43 -8.44 -1.63
C ASP A 25 8.76 -8.80 -2.24
N LYS A 26 9.78 -8.99 -1.42
CA LYS A 26 11.12 -9.30 -1.90
C LYS A 26 11.43 -10.78 -2.15
N ALA A 27 10.67 -11.65 -1.48
CA ALA A 27 10.86 -13.09 -1.57
C ALA A 27 10.67 -13.73 -2.97
N LYS A 28 9.71 -13.21 -3.75
CA LYS A 28 9.41 -13.67 -5.13
C LYS A 28 8.98 -15.11 -5.43
N PHE A 29 9.39 -16.07 -4.61
CA PHE A 29 9.09 -17.44 -4.91
C PHE A 29 8.85 -18.22 -3.65
N GLY A 30 7.72 -18.94 -3.66
CA GLY A 30 7.36 -19.77 -2.54
C GLY A 30 6.85 -21.11 -3.03
N ILE A 31 6.74 -22.06 -2.11
CA ILE A 31 6.25 -23.37 -2.43
C ILE A 31 4.89 -23.61 -1.74
N PHE A 32 3.93 -24.02 -2.55
CA PHE A 32 2.60 -24.40 -2.08
C PHE A 32 2.67 -25.93 -1.88
N ILE A 33 1.96 -26.45 -0.90
CA ILE A 33 1.93 -27.89 -0.76
C ILE A 33 0.50 -28.39 -0.46
N HIS A 34 -0.13 -29.04 -1.45
CA HIS A 34 -1.45 -29.64 -1.29
C HIS A 34 -1.18 -31.12 -1.00
N TRP A 35 -1.38 -31.47 0.25
CA TRP A 35 -1.15 -32.78 0.81
C TRP A 35 -2.28 -33.17 1.74
N GLY A 36 -2.89 -34.30 1.51
CA GLY A 36 -3.94 -34.75 2.39
C GLY A 36 -4.33 -36.20 2.07
N ILE A 37 -5.46 -36.64 2.61
CA ILE A 37 -5.84 -37.99 2.37
C ILE A 37 -6.18 -38.27 0.89
N TYR A 38 -6.45 -37.20 0.11
CA TYR A 38 -6.71 -37.35 -1.31
C TYR A 38 -5.44 -37.74 -2.01
N SER A 39 -4.30 -37.50 -1.35
CA SER A 39 -3.01 -37.87 -1.95
C SER A 39 -2.91 -39.42 -2.01
N VAL A 40 -3.67 -40.13 -1.18
CA VAL A 40 -3.59 -41.59 -1.22
C VAL A 40 -4.17 -42.11 -2.56
N PRO A 41 -5.45 -41.81 -2.87
CA PRO A 41 -5.82 -42.36 -4.20
C PRO A 41 -4.99 -41.63 -5.23
N GLY A 42 -4.68 -40.36 -4.95
CA GLY A 42 -3.86 -39.56 -5.89
C GLY A 42 -4.16 -39.77 -7.37
N TRP A 43 -5.40 -39.47 -7.77
CA TRP A 43 -5.85 -39.72 -9.15
C TRP A 43 -6.85 -38.69 -9.72
N ALA A 44 -6.61 -38.24 -10.95
CA ALA A 44 -7.56 -37.33 -11.62
C ALA A 44 -7.37 -37.45 -13.16
N THR A 45 -8.39 -37.02 -13.90
CA THR A 45 -8.30 -37.00 -15.36
C THR A 45 -7.58 -35.68 -15.61
N PRO A 46 -6.35 -35.73 -16.17
CA PRO A 46 -5.58 -34.51 -16.45
C PRO A 46 -6.08 -33.80 -17.69
N THR A 47 -7.32 -33.32 -17.61
CA THR A 47 -8.05 -32.61 -18.68
C THR A 47 -7.46 -31.30 -19.25
N GLY A 48 -6.98 -30.42 -18.40
CA GLY A 48 -6.46 -29.17 -18.91
C GLY A 48 -6.23 -28.13 -17.80
N GLU A 49 -5.83 -26.93 -18.20
CA GLU A 49 -5.56 -25.83 -17.28
C GLU A 49 -6.82 -25.07 -16.90
N LEU A 50 -6.93 -24.68 -15.63
CA LEU A 50 -8.08 -23.89 -15.20
C LEU A 50 -8.11 -22.64 -16.08
N GLY A 51 -9.28 -22.34 -16.64
CA GLY A 51 -9.43 -21.18 -17.49
C GLY A 51 -9.52 -21.57 -18.92
N LYS A 52 -9.10 -22.81 -19.23
CA LYS A 52 -9.13 -23.34 -20.60
C LYS A 52 -10.13 -24.48 -20.77
N VAL A 53 -10.57 -25.05 -19.66
CA VAL A 53 -11.54 -26.13 -19.67
C VAL A 53 -12.93 -25.54 -19.47
N PRO A 54 -13.90 -25.84 -20.37
CA PRO A 54 -15.25 -25.29 -20.19
C PRO A 54 -15.86 -25.69 -18.82
N MET A 55 -16.39 -24.70 -18.11
CA MET A 55 -16.98 -24.95 -16.78
C MET A 55 -18.20 -25.87 -16.75
N ASP A 56 -18.66 -26.30 -17.92
CA ASP A 56 -19.81 -27.17 -18.03
C ASP A 56 -19.29 -28.61 -17.93
N ALA A 57 -17.98 -28.79 -18.04
CA ALA A 57 -17.41 -30.13 -18.01
C ALA A 57 -16.49 -30.37 -16.84
N TRP A 58 -15.86 -29.27 -16.43
CA TRP A 58 -14.88 -29.23 -15.37
C TRP A 58 -15.06 -30.11 -14.16
N PHE A 59 -16.18 -29.97 -13.44
CA PHE A 59 -16.36 -30.77 -12.24
C PHE A 59 -16.57 -32.23 -12.53
N PHE A 60 -16.99 -32.52 -13.76
CA PHE A 60 -17.20 -33.90 -14.21
C PHE A 60 -15.91 -34.59 -14.65
N GLN A 61 -14.88 -33.82 -15.00
CA GLN A 61 -13.58 -34.37 -15.43
C GLN A 61 -12.55 -33.47 -14.82
N ASN A 62 -12.64 -33.32 -13.51
CA ASN A 62 -11.76 -32.43 -12.77
C ASN A 62 -10.29 -32.84 -12.75
N PRO A 63 -9.39 -31.97 -13.24
CA PRO A 63 -7.94 -32.28 -13.24
C PRO A 63 -7.28 -32.07 -11.86
N TYR A 64 -8.02 -31.53 -10.89
CA TYR A 64 -7.48 -31.29 -9.54
C TYR A 64 -7.72 -32.54 -8.68
N ALA A 65 -6.66 -33.33 -8.52
CA ALA A 65 -6.74 -34.56 -7.76
C ALA A 65 -7.28 -34.31 -6.35
N GLU A 66 -7.03 -33.14 -5.80
CA GLU A 66 -7.50 -32.89 -4.45
C GLU A 66 -9.03 -32.78 -4.37
N TRP A 67 -9.71 -32.74 -5.49
CA TRP A 67 -11.19 -32.70 -5.50
C TRP A 67 -11.76 -34.12 -5.63
N TYR A 68 -10.93 -35.13 -5.36
CA TYR A 68 -11.34 -36.51 -5.48
C TYR A 68 -12.67 -36.79 -4.81
N GLU A 69 -12.82 -36.33 -3.57
CA GLU A 69 -14.09 -36.60 -2.92
C GLU A 69 -15.32 -36.06 -3.67
N ASN A 70 -15.22 -34.82 -4.15
CA ASN A 70 -16.34 -34.21 -4.87
C ASN A 70 -16.61 -35.01 -6.15
N SER A 71 -15.53 -35.38 -6.87
CA SER A 71 -15.65 -36.18 -8.10
C SER A 71 -16.27 -37.53 -7.75
N LEU A 72 -15.81 -38.15 -6.66
CA LEU A 72 -16.35 -39.44 -6.24
C LEU A 72 -17.85 -39.38 -5.97
N ARG A 73 -18.35 -38.26 -5.41
CA ARG A 73 -19.80 -38.13 -5.15
C ARG A 73 -20.62 -37.99 -6.46
N ILE A 74 -19.98 -37.64 -7.58
CA ILE A 74 -20.73 -37.56 -8.84
C ILE A 74 -20.59 -38.95 -9.49
N LYS A 75 -21.66 -39.75 -9.40
CA LYS A 75 -21.66 -41.12 -9.94
C LYS A 75 -21.35 -41.18 -11.44
N GLU A 76 -20.69 -42.22 -11.89
CA GLU A 76 -20.37 -42.19 -13.32
C GLU A 76 -19.58 -40.89 -13.66
N SER A 77 -18.52 -40.66 -12.90
CA SER A 77 -17.61 -39.58 -13.18
C SER A 77 -16.45 -40.53 -13.37
N PRO A 78 -15.44 -40.13 -14.14
CA PRO A 78 -14.28 -41.03 -14.30
C PRO A 78 -13.75 -41.50 -12.92
N THR A 79 -13.77 -40.60 -11.94
CA THR A 79 -13.27 -40.84 -10.60
C THR A 79 -14.06 -41.97 -9.90
N TRP A 80 -15.39 -41.88 -10.03
CA TRP A 80 -16.27 -42.88 -9.46
C TRP A 80 -15.88 -44.26 -10.03
N GLU A 81 -15.74 -44.36 -11.35
CA GLU A 81 -15.36 -45.62 -11.99
C GLU A 81 -14.04 -46.14 -11.46
N TYR A 82 -13.03 -45.28 -11.52
CA TYR A 82 -11.72 -45.63 -11.01
C TYR A 82 -11.77 -46.15 -9.59
N HIS A 83 -12.49 -45.42 -8.74
CA HIS A 83 -12.61 -45.79 -7.33
C HIS A 83 -13.26 -47.16 -7.07
N VAL A 84 -14.37 -47.39 -7.74
CA VAL A 84 -15.10 -48.62 -7.58
C VAL A 84 -14.22 -49.80 -8.01
N LYS A 85 -13.45 -49.66 -9.08
CA LYS A 85 -12.60 -50.78 -9.52
C LYS A 85 -11.33 -50.95 -8.63
N THR A 86 -10.92 -49.87 -7.99
CA THR A 86 -9.66 -49.88 -7.23
C THR A 86 -9.85 -50.13 -5.73
N TYR A 87 -10.81 -49.45 -5.15
CA TYR A 87 -11.00 -49.58 -3.73
C TYR A 87 -12.30 -50.30 -3.39
N GLY A 88 -13.25 -50.27 -4.32
CA GLY A 88 -14.55 -50.84 -4.10
C GLY A 88 -15.69 -49.87 -3.78
N GLU A 89 -16.89 -50.23 -4.18
CA GLU A 89 -18.04 -49.39 -3.92
C GLU A 89 -18.31 -49.14 -2.41
N ASN A 90 -17.82 -50.02 -1.54
CA ASN A 90 -18.05 -49.84 -0.10
C ASN A 90 -16.95 -49.12 0.65
N PHE A 91 -15.99 -48.55 -0.08
CA PHE A 91 -14.90 -47.82 0.52
C PHE A 91 -15.21 -46.29 0.49
N GLU A 92 -15.69 -45.79 1.64
CA GLU A 92 -16.02 -44.37 1.82
C GLU A 92 -14.74 -43.59 1.76
N TYR A 93 -14.84 -42.36 1.25
CA TYR A 93 -13.69 -41.45 1.12
C TYR A 93 -12.92 -41.23 2.44
N GLU A 94 -13.67 -41.04 3.52
CA GLU A 94 -13.10 -40.82 4.84
C GLU A 94 -12.10 -41.90 5.22
N LYS A 95 -12.34 -43.10 4.69
CA LYS A 95 -11.48 -44.23 5.00
C LYS A 95 -10.06 -43.98 4.53
N PHE A 96 -9.89 -43.11 3.54
CA PHE A 96 -8.53 -42.82 3.11
C PHE A 96 -7.67 -42.22 4.30
N ALA A 97 -8.30 -41.60 5.29
CA ALA A 97 -7.55 -41.10 6.43
C ALA A 97 -6.80 -42.29 7.17
N ASP A 98 -7.29 -43.53 7.06
CA ASP A 98 -6.58 -44.63 7.72
C ASP A 98 -5.45 -45.10 6.83
N LEU A 99 -5.50 -44.78 5.55
CA LEU A 99 -4.43 -45.21 4.68
C LEU A 99 -3.36 -44.15 4.57
N PHE A 100 -3.69 -42.94 4.99
CA PHE A 100 -2.75 -41.82 4.90
C PHE A 100 -1.77 -41.96 6.07
N THR A 101 -0.67 -42.65 5.84
CA THR A 101 0.26 -42.87 6.95
C THR A 101 1.56 -42.09 6.92
N ALA A 102 1.92 -41.48 5.80
CA ALA A 102 3.15 -40.70 5.71
C ALA A 102 4.31 -41.47 6.39
N GLU A 103 4.39 -42.76 6.08
CA GLU A 103 5.40 -43.62 6.65
C GLU A 103 6.83 -43.22 6.28
N LYS A 104 7.04 -42.65 5.09
CA LYS A 104 8.38 -42.22 4.67
C LYS A 104 8.57 -40.70 4.72
N TRP A 105 7.84 -40.01 5.58
CA TRP A 105 7.96 -38.55 5.62
C TRP A 105 9.15 -38.03 6.42
N ASP A 106 9.86 -37.07 5.85
CA ASP A 106 11.00 -36.44 6.49
C ASP A 106 10.91 -34.91 6.23
N PRO A 107 10.28 -34.20 7.16
CA PRO A 107 10.14 -32.75 6.96
C PRO A 107 11.42 -31.97 6.68
N GLN A 108 12.53 -32.35 7.31
CA GLN A 108 13.75 -31.61 7.05
C GLN A 108 14.26 -31.86 5.65
N GLU A 109 13.91 -33.02 5.12
CA GLU A 109 14.27 -33.35 3.76
C GLU A 109 13.39 -32.48 2.79
N TRP A 110 12.10 -32.25 3.11
CA TRP A 110 11.28 -31.37 2.27
C TRP A 110 11.87 -29.94 2.33
N ALA A 111 12.11 -29.48 3.55
CA ALA A 111 12.62 -28.15 3.74
C ALA A 111 13.94 -27.93 2.96
N ASP A 112 14.86 -28.86 3.08
CA ASP A 112 16.11 -28.69 2.36
C ASP A 112 15.86 -28.63 0.83
N LEU A 113 14.96 -29.48 0.34
CA LEU A 113 14.66 -29.46 -1.09
C LEU A 113 14.04 -28.10 -1.46
N PHE A 114 13.17 -27.55 -0.62
CA PHE A 114 12.56 -26.26 -0.99
C PHE A 114 13.58 -25.12 -0.95
N LYS A 115 14.53 -25.21 -0.03
CA LYS A 115 15.57 -24.20 0.07
C LYS A 115 16.46 -24.32 -1.19
N LYS A 116 16.89 -25.54 -1.46
CA LYS A 116 17.73 -25.78 -2.61
C LYS A 116 16.99 -25.37 -3.86
N ALA A 117 15.67 -25.45 -3.84
CA ALA A 117 14.94 -25.06 -5.05
C ALA A 117 14.87 -23.55 -5.24
N GLY A 118 15.32 -22.77 -4.24
CA GLY A 118 15.27 -21.31 -4.37
C GLY A 118 14.03 -20.66 -3.74
N ALA A 119 13.17 -21.43 -3.08
CA ALA A 119 11.97 -20.87 -2.46
C ALA A 119 12.28 -20.18 -1.10
N LYS A 120 11.53 -19.12 -0.81
CA LYS A 120 11.74 -18.38 0.42
C LYS A 120 10.61 -18.58 1.40
N TYR A 121 9.53 -19.23 0.98
CA TYR A 121 8.44 -19.49 1.91
C TYR A 121 7.66 -20.71 1.49
N VAL A 122 7.02 -21.33 2.48
CA VAL A 122 6.30 -22.54 2.24
C VAL A 122 4.94 -22.47 2.91
N ILE A 123 3.93 -22.97 2.18
CA ILE A 123 2.55 -22.95 2.62
C ILE A 123 1.81 -24.26 2.40
N PRO A 124 1.64 -25.02 3.47
CA PRO A 124 0.91 -26.28 3.28
C PRO A 124 -0.57 -26.11 3.56
N THR A 125 -1.35 -27.02 2.99
CA THR A 125 -2.76 -27.09 3.18
C THR A 125 -3.01 -27.64 4.58
N THR A 126 -3.44 -26.80 5.53
CA THR A 126 -3.72 -27.31 6.86
C THR A 126 -5.06 -28.04 6.85
N LYS A 127 -5.93 -27.62 5.94
CA LYS A 127 -7.24 -28.24 5.80
C LYS A 127 -7.78 -27.88 4.42
N HIS A 128 -7.97 -28.87 3.56
CA HIS A 128 -8.52 -28.57 2.24
C HIS A 128 -10.05 -28.75 2.23
N HIS A 129 -10.68 -28.72 1.07
CA HIS A 129 -12.15 -28.81 1.02
C HIS A 129 -12.77 -30.03 1.69
N ASP A 130 -11.99 -31.13 1.79
CA ASP A 130 -12.53 -32.35 2.38
C ASP A 130 -12.62 -32.26 3.92
N GLY A 131 -12.13 -31.16 4.48
CA GLY A 131 -12.21 -30.93 5.90
C GLY A 131 -11.29 -31.71 6.81
N PHE A 132 -10.39 -32.51 6.27
CA PHE A 132 -9.45 -33.27 7.08
C PHE A 132 -8.31 -32.28 7.47
N CYS A 133 -7.98 -32.21 8.77
CA CYS A 133 -6.97 -31.30 9.33
C CYS A 133 -5.63 -31.95 9.60
N LEU A 134 -4.59 -31.31 9.05
CA LEU A 134 -3.25 -31.82 9.20
C LEU A 134 -2.54 -31.36 10.46
N TRP A 135 -3.32 -31.05 11.53
CA TRP A 135 -2.71 -30.68 12.83
C TRP A 135 -3.69 -31.16 13.88
N GLY A 136 -3.25 -31.20 15.12
CA GLY A 136 -4.08 -31.72 16.17
C GLY A 136 -5.08 -30.69 16.65
N THR A 137 -6.00 -30.29 15.79
CA THR A 137 -6.97 -29.31 16.16
C THR A 137 -7.88 -29.89 17.25
N LYS A 138 -8.37 -29.04 18.13
CA LYS A 138 -9.24 -29.61 19.14
C LYS A 138 -10.68 -29.53 18.70
N TYR A 139 -10.92 -29.03 17.50
CA TYR A 139 -12.30 -28.87 17.05
C TYR A 139 -12.85 -29.95 16.16
N THR A 140 -12.01 -30.91 15.83
CA THR A 140 -12.51 -32.05 15.11
C THR A 140 -11.56 -33.22 15.35
N ASP A 141 -12.11 -34.44 15.33
CA ASP A 141 -11.30 -35.66 15.43
C ASP A 141 -10.85 -36.13 14.04
N PHE A 142 -11.32 -35.48 12.98
CA PHE A 142 -10.95 -35.86 11.63
C PHE A 142 -9.64 -35.11 11.29
N ASN A 143 -8.53 -35.50 11.91
CA ASN A 143 -7.26 -34.82 11.78
C ASN A 143 -6.12 -35.85 11.87
N SER A 144 -4.93 -35.41 11.46
CA SER A 144 -3.81 -36.28 11.37
C SER A 144 -3.14 -36.84 12.64
N VAL A 145 -3.56 -36.36 13.81
CA VAL A 145 -3.03 -36.81 15.08
C VAL A 145 -3.88 -38.00 15.50
N LYS A 146 -5.19 -37.88 15.36
CA LYS A 146 -6.09 -38.98 15.72
C LYS A 146 -6.19 -40.13 14.69
N ARG A 147 -5.88 -39.85 13.42
CA ARG A 147 -6.01 -40.83 12.36
C ARG A 147 -4.80 -40.81 11.47
N GLY A 148 -4.72 -41.74 10.52
CA GLY A 148 -3.60 -41.77 9.58
C GLY A 148 -2.18 -41.76 10.17
N PRO A 149 -1.43 -40.66 10.02
CA PRO A 149 -0.05 -40.44 10.49
C PRO A 149 0.13 -40.40 12.01
N LYS A 150 -0.93 -40.12 12.75
CA LYS A 150 -0.82 -40.01 14.21
C LYS A 150 0.28 -38.98 14.47
N ARG A 151 0.23 -37.88 13.75
CA ARG A 151 1.26 -36.90 13.86
C ARG A 151 0.79 -35.49 13.44
N ASP A 152 1.35 -34.46 14.10
CA ASP A 152 1.01 -33.10 13.77
C ASP A 152 1.91 -32.69 12.62
N LEU A 153 1.35 -32.86 11.42
CA LEU A 153 2.09 -32.54 10.20
C LEU A 153 2.38 -31.05 10.00
N VAL A 154 1.41 -30.18 10.33
CA VAL A 154 1.63 -28.73 10.15
C VAL A 154 2.75 -28.29 11.09
N GLY A 155 2.62 -28.65 12.37
CA GLY A 155 3.67 -28.26 13.31
C GLY A 155 5.07 -28.77 12.97
N ASP A 156 5.19 -30.07 12.69
CA ASP A 156 6.49 -30.64 12.34
C ASP A 156 7.01 -30.01 11.07
N LEU A 157 6.13 -29.66 10.14
CA LEU A 157 6.66 -29.07 8.91
C LEU A 157 7.09 -27.64 9.18
N ALA A 158 6.34 -26.96 10.05
CA ALA A 158 6.64 -25.56 10.38
C ALA A 158 8.03 -25.48 11.05
N LYS A 159 8.31 -26.42 11.95
CA LYS A 159 9.61 -26.38 12.62
C LYS A 159 10.74 -26.56 11.61
N ALA A 160 10.57 -27.53 10.71
CA ALA A 160 11.55 -27.83 9.70
C ALA A 160 11.79 -26.70 8.71
N VAL A 161 10.71 -26.07 8.26
CA VAL A 161 10.83 -25.02 7.30
C VAL A 161 11.59 -23.87 7.92
N ARG A 162 11.24 -23.54 9.15
CA ARG A 162 11.90 -22.43 9.85
C ARG A 162 13.36 -22.72 10.14
N GLU A 163 13.64 -23.97 10.49
CA GLU A 163 15.00 -24.41 10.74
C GLU A 163 15.83 -24.15 9.50
N ALA A 164 15.22 -24.36 8.33
CA ALA A 164 15.86 -24.15 7.04
C ALA A 164 15.95 -22.65 6.72
N GLY A 165 15.35 -21.83 7.56
CA GLY A 165 15.45 -20.40 7.33
C GLY A 165 14.40 -19.85 6.39
N LEU A 166 13.34 -20.63 6.09
CA LEU A 166 12.31 -20.08 5.21
C LEU A 166 11.08 -19.64 6.01
N ARG A 167 10.29 -18.73 5.43
CA ARG A 167 9.03 -18.24 6.05
C ARG A 167 7.94 -19.34 5.89
N PHE A 168 7.07 -19.45 6.89
CA PHE A 168 6.03 -20.47 6.87
C PHE A 168 4.62 -19.90 6.96
N GLY A 169 3.78 -20.22 6.00
CA GLY A 169 2.42 -19.73 6.01
C GLY A 169 1.48 -20.91 6.08
N VAL A 170 0.18 -20.63 6.17
CA VAL A 170 -0.80 -21.71 6.23
C VAL A 170 -1.93 -21.54 5.26
N TYR A 171 -2.32 -22.62 4.60
CA TYR A 171 -3.43 -22.56 3.68
C TYR A 171 -4.63 -23.11 4.47
N TYR A 172 -5.76 -22.44 4.37
CA TYR A 172 -6.96 -22.93 5.05
C TYR A 172 -8.17 -22.80 4.18
N SER A 173 -8.92 -23.89 4.02
CA SER A 173 -10.12 -23.86 3.19
C SER A 173 -11.32 -23.29 3.99
N GLY A 174 -11.42 -21.96 4.01
CA GLY A 174 -12.51 -21.36 4.74
C GLY A 174 -13.82 -21.50 4.07
N GLY A 175 -13.80 -21.39 2.74
CA GLY A 175 -15.04 -21.44 1.96
C GLY A 175 -15.79 -22.77 1.79
N LEU A 176 -15.06 -23.88 1.74
CA LEU A 176 -15.71 -25.17 1.55
C LEU A 176 -15.22 -26.18 2.60
N ASP A 177 -16.11 -27.07 3.00
CA ASP A 177 -15.75 -28.15 3.91
C ASP A 177 -16.83 -29.22 3.64
N TRP A 178 -16.42 -30.24 2.89
CA TRP A 178 -17.34 -31.30 2.53
C TRP A 178 -17.83 -32.18 3.70
N ARG A 179 -17.26 -31.96 4.88
CA ARG A 179 -17.77 -32.66 6.06
C ARG A 179 -19.08 -31.97 6.46
N PHE A 180 -19.41 -30.84 5.84
CA PHE A 180 -20.66 -30.19 6.23
C PHE A 180 -21.72 -30.23 5.08
N THR A 181 -21.43 -30.88 3.95
CA THR A 181 -22.40 -30.98 2.84
C THR A 181 -22.48 -32.45 2.41
N THR A 182 -23.47 -32.82 1.64
CA THR A 182 -23.57 -34.19 1.13
C THR A 182 -23.61 -34.20 -0.41
N GLU A 183 -24.16 -33.15 -0.98
CA GLU A 183 -24.28 -33.04 -2.45
C GLU A 183 -22.97 -32.53 -3.06
N PRO A 184 -22.54 -33.11 -4.19
CA PRO A 184 -21.29 -32.63 -4.83
C PRO A 184 -21.57 -31.35 -5.65
N ILE A 185 -20.49 -30.66 -5.99
CA ILE A 185 -20.53 -29.47 -6.85
C ILE A 185 -20.46 -30.02 -8.31
N ARG A 186 -21.45 -29.69 -9.13
CA ARG A 186 -21.45 -30.17 -10.50
C ARG A 186 -21.23 -29.05 -11.50
N TYR A 187 -21.68 -27.85 -11.15
CA TYR A 187 -21.52 -26.66 -11.98
C TYR A 187 -21.12 -25.48 -11.12
N PRO A 188 -20.39 -24.50 -11.70
CA PRO A 188 -19.97 -23.31 -10.93
C PRO A 188 -21.15 -22.76 -10.11
N GLU A 189 -22.35 -22.77 -10.68
CA GLU A 189 -23.54 -22.27 -9.96
C GLU A 189 -23.82 -22.90 -8.61
N ASP A 190 -23.50 -24.19 -8.47
CA ASP A 190 -23.75 -24.90 -7.24
C ASP A 190 -22.99 -24.29 -6.06
N LEU A 191 -21.87 -23.63 -6.34
CA LEU A 191 -21.06 -23.04 -5.28
C LEU A 191 -21.82 -21.92 -4.59
N SER A 192 -22.87 -21.40 -5.22
CA SER A 192 -23.56 -20.32 -4.55
C SER A 192 -24.49 -20.84 -3.45
N TYR A 193 -24.76 -22.14 -3.41
CA TYR A 193 -25.61 -22.63 -2.32
C TYR A 193 -25.12 -23.93 -1.64
N ILE A 194 -24.23 -24.71 -2.27
CA ILE A 194 -23.77 -25.91 -1.60
C ILE A 194 -22.46 -25.56 -0.80
N ARG A 195 -22.69 -25.07 0.43
CA ARG A 195 -21.67 -24.57 1.37
C ARG A 195 -22.12 -24.96 2.77
N PRO A 196 -21.23 -24.94 3.77
CA PRO A 196 -21.76 -25.32 5.09
C PRO A 196 -22.99 -24.50 5.49
N ASN A 197 -22.92 -23.17 5.28
CA ASN A 197 -24.07 -22.30 5.55
C ASN A 197 -24.51 -21.99 6.99
N THR A 198 -24.09 -22.78 7.99
CA THR A 198 -24.50 -22.57 9.35
C THR A 198 -23.64 -21.63 10.20
N TYR A 199 -24.21 -21.18 11.32
CA TYR A 199 -23.48 -20.35 12.26
C TYR A 199 -22.37 -21.21 12.81
N GLU A 200 -22.75 -22.43 13.09
CA GLU A 200 -21.81 -23.44 13.60
C GLU A 200 -20.52 -23.47 12.74
N TYR A 201 -20.67 -23.55 11.42
CA TYR A 201 -19.49 -23.59 10.58
C TYR A 201 -18.71 -22.29 10.60
N ALA A 202 -19.41 -21.16 10.55
CA ALA A 202 -18.68 -19.90 10.63
C ALA A 202 -17.79 -19.85 11.93
N ASP A 203 -18.30 -20.38 13.05
CA ASP A 203 -17.53 -20.38 14.32
C ASP A 203 -16.34 -21.37 14.20
N TYR A 204 -16.61 -22.50 13.54
CA TYR A 204 -15.63 -23.53 13.40
C TYR A 204 -14.41 -23.00 12.65
N ALA A 205 -14.67 -22.30 11.55
CA ALA A 205 -13.58 -21.78 10.73
C ALA A 205 -12.82 -20.70 11.49
N TYR A 206 -13.55 -19.84 12.20
CA TYR A 206 -12.92 -18.77 12.98
C TYR A 206 -12.04 -19.40 14.04
N LYS A 207 -12.61 -20.37 14.75
CA LYS A 207 -11.83 -21.03 15.79
C LYS A 207 -10.60 -21.77 15.26
N GLN A 208 -10.71 -22.36 14.08
CA GLN A 208 -9.55 -23.11 13.63
C GLN A 208 -8.45 -22.15 13.12
N VAL A 209 -8.82 -21.05 12.46
CA VAL A 209 -7.75 -20.20 11.97
C VAL A 209 -7.12 -19.56 13.22
N MET A 210 -7.93 -19.17 14.23
CA MET A 210 -7.41 -18.60 15.46
C MET A 210 -6.41 -19.61 16.08
N GLU A 211 -6.77 -20.89 16.08
CA GLU A 211 -5.91 -21.93 16.65
C GLU A 211 -4.61 -22.00 15.82
N LEU A 212 -4.70 -21.89 14.49
CA LEU A 212 -3.47 -21.97 13.71
C LEU A 212 -2.55 -20.79 14.04
N VAL A 213 -3.13 -19.61 14.26
CA VAL A 213 -2.39 -18.40 14.59
C VAL A 213 -1.75 -18.60 15.96
N ASP A 214 -2.56 -19.03 16.93
CA ASP A 214 -2.02 -19.29 18.23
C ASP A 214 -0.90 -20.33 18.26
N LEU A 215 -1.10 -21.50 17.64
CA LEU A 215 -0.07 -22.57 17.66
C LEU A 215 1.19 -22.39 16.83
N TYR A 216 1.08 -21.68 15.71
CA TYR A 216 2.18 -21.57 14.77
C TYR A 216 2.53 -20.16 14.28
N LEU A 217 1.70 -19.18 14.67
CA LEU A 217 1.85 -17.78 14.22
C LEU A 217 2.42 -17.73 12.80
N PRO A 218 1.64 -18.22 11.82
CA PRO A 218 2.15 -18.19 10.43
C PRO A 218 2.45 -16.79 9.82
N ASP A 219 3.35 -16.79 8.82
CA ASP A 219 3.75 -15.61 8.08
C ASP A 219 2.75 -15.18 7.01
N VAL A 220 1.85 -16.09 6.66
CA VAL A 220 0.83 -15.85 5.67
C VAL A 220 -0.40 -16.63 6.04
N LEU A 221 -1.57 -16.00 5.93
CA LEU A 221 -2.83 -16.70 6.17
C LEU A 221 -3.38 -16.72 4.77
N TRP A 222 -3.43 -17.88 4.19
CA TRP A 222 -3.86 -18.00 2.79
C TRP A 222 -5.18 -18.74 2.82
N ASN A 223 -6.30 -18.00 2.83
CA ASN A 223 -7.62 -18.61 2.84
C ASN A 223 -8.04 -19.00 1.39
N ASP A 224 -8.97 -19.94 1.23
CA ASP A 224 -9.38 -20.26 -0.12
C ASP A 224 -10.89 -20.35 -0.13
N MET A 225 -11.45 -20.07 -1.31
CA MET A 225 -12.85 -20.20 -1.56
C MET A 225 -13.79 -19.25 -0.85
N GLY A 226 -13.30 -18.12 -0.39
CA GLY A 226 -14.18 -17.18 0.28
C GLY A 226 -14.32 -17.58 1.72
N TRP A 227 -14.95 -16.73 2.51
CA TRP A 227 -15.18 -16.95 3.95
C TRP A 227 -16.67 -16.95 4.18
N PRO A 228 -17.18 -17.83 5.06
CA PRO A 228 -18.63 -17.90 5.34
C PRO A 228 -19.20 -16.53 5.65
N GLU A 229 -20.26 -16.20 4.90
CA GLU A 229 -20.93 -14.91 5.00
C GLU A 229 -21.17 -14.50 6.46
N LYS A 230 -21.72 -15.44 7.24
CA LYS A 230 -22.00 -15.23 8.63
C LYS A 230 -20.77 -14.95 9.45
N GLY A 231 -19.63 -15.39 8.96
CA GLY A 231 -18.41 -15.19 9.69
C GLY A 231 -17.61 -14.02 9.18
N LYS A 232 -18.07 -13.32 8.16
CA LYS A 232 -17.23 -12.24 7.62
C LYS A 232 -16.82 -11.14 8.55
N GLU A 233 -17.72 -10.71 9.43
CA GLU A 233 -17.40 -9.66 10.38
C GLU A 233 -16.34 -10.11 11.39
N ASP A 234 -16.27 -11.43 11.67
CA ASP A 234 -15.25 -11.92 12.58
C ASP A 234 -13.82 -11.58 12.06
N LEU A 235 -13.64 -11.52 10.74
CA LEU A 235 -12.31 -11.27 10.19
C LEU A 235 -11.69 -9.95 10.66
N LYS A 236 -12.50 -8.95 11.00
CA LYS A 236 -11.93 -7.71 11.51
C LYS A 236 -11.17 -8.02 12.80
N TYR A 237 -11.76 -8.88 13.61
CA TYR A 237 -11.15 -9.23 14.89
C TYR A 237 -10.02 -10.20 14.65
N LEU A 238 -10.22 -11.17 13.75
CA LEU A 238 -9.18 -12.16 13.47
C LEU A 238 -7.93 -11.45 12.93
N PHE A 239 -8.12 -10.53 11.97
CA PHE A 239 -6.95 -9.86 11.39
C PHE A 239 -6.21 -8.96 12.39
N ALA A 240 -6.96 -8.29 13.27
CA ALA A 240 -6.29 -7.38 14.20
C ALA A 240 -5.50 -8.20 15.22
N TYR A 241 -6.15 -9.30 15.68
CA TYR A 241 -5.53 -10.21 16.61
C TYR A 241 -4.20 -10.69 15.98
N TYR A 242 -4.30 -11.13 14.74
CA TYR A 242 -3.15 -11.66 14.03
C TYR A 242 -2.00 -10.64 13.83
N TYR A 243 -2.33 -9.46 13.29
CA TYR A 243 -1.37 -8.42 13.04
C TYR A 243 -0.84 -7.88 14.35
N ASN A 244 -1.63 -7.89 15.43
CA ASN A 244 -1.07 -7.38 16.64
C ASN A 244 -0.04 -8.34 17.23
N LYS A 245 -0.19 -9.65 16.98
CA LYS A 245 0.77 -10.65 17.44
C LYS A 245 1.96 -10.72 16.48
N HIS A 246 1.69 -10.50 15.19
CA HIS A 246 2.69 -10.62 14.13
C HIS A 246 2.53 -9.59 13.01
N PRO A 247 3.01 -8.37 13.25
CA PRO A 247 2.92 -7.29 12.25
C PRO A 247 3.48 -7.65 10.88
N GLU A 248 4.54 -8.44 10.84
CA GLU A 248 5.09 -8.81 9.54
C GLU A 248 4.33 -9.96 8.88
N GLY A 249 3.18 -10.34 9.47
CA GLY A 249 2.28 -11.34 8.91
C GLY A 249 1.58 -10.78 7.65
N SER A 250 0.82 -11.62 6.94
CA SER A 250 0.15 -11.20 5.71
C SER A 250 -1.00 -12.14 5.42
N VAL A 251 -2.01 -11.64 4.71
CA VAL A 251 -3.20 -12.40 4.34
C VAL A 251 -3.47 -12.21 2.86
N ASN A 252 -4.08 -13.21 2.20
CA ASN A 252 -4.37 -13.07 0.78
C ASN A 252 -5.70 -12.39 0.52
N ASP A 253 -6.21 -12.50 -0.70
CA ASP A 253 -7.41 -11.80 -1.09
C ASP A 253 -8.61 -12.70 -1.32
N ARG A 254 -8.67 -13.85 -0.65
CA ARG A 254 -9.77 -14.77 -0.90
C ARG A 254 -10.74 -14.92 0.27
N TRP A 255 -10.93 -13.84 1.03
CA TRP A 255 -11.80 -13.83 2.19
C TRP A 255 -13.16 -13.20 1.89
N GLY A 256 -13.23 -12.42 0.81
CA GLY A 256 -14.46 -11.75 0.45
C GLY A 256 -14.78 -10.56 1.35
N VAL A 257 -13.75 -9.92 1.94
CA VAL A 257 -13.95 -8.77 2.79
C VAL A 257 -13.07 -7.62 2.27
N PRO A 258 -13.27 -6.38 2.76
CA PRO A 258 -12.46 -5.27 2.26
C PRO A 258 -10.95 -5.44 2.32
N HIS A 259 -10.41 -6.02 3.36
CA HIS A 259 -8.96 -6.14 3.47
C HIS A 259 -8.29 -7.35 2.81
N TRP A 260 -7.02 -7.15 2.43
CA TRP A 260 -6.13 -8.17 1.86
C TRP A 260 -4.77 -7.44 1.71
N ASP A 261 -3.67 -8.18 1.76
CA ASP A 261 -2.33 -7.62 1.61
C ASP A 261 -1.79 -7.89 0.18
N PHE A 262 -2.25 -8.96 -0.48
CA PHE A 262 -1.86 -9.27 -1.87
C PHE A 262 -2.99 -10.08 -2.49
N LYS A 263 -3.17 -9.89 -3.78
CA LYS A 263 -4.18 -10.58 -4.56
C LYS A 263 -3.56 -11.87 -5.19
N THR A 264 -4.42 -12.70 -5.76
CA THR A 264 -3.91 -13.94 -6.31
C THR A 264 -4.48 -14.23 -7.71
N ALA A 265 -3.84 -15.11 -8.45
CA ALA A 265 -4.28 -15.51 -9.80
C ALA A 265 -4.01 -17.00 -9.80
N GLU A 266 -4.87 -17.75 -10.47
CA GLU A 266 -4.75 -19.21 -10.49
C GLU A 266 -4.76 -19.68 -11.98
N TYR A 267 -3.69 -20.38 -12.39
CA TYR A 267 -3.53 -20.75 -13.82
C TYR A 267 -3.93 -19.48 -14.63
N HIS A 268 -4.78 -19.58 -15.64
CA HIS A 268 -5.16 -18.38 -16.42
C HIS A 268 -6.03 -17.35 -15.74
N VAL A 269 -6.73 -17.76 -14.70
CA VAL A 269 -7.65 -16.87 -14.01
C VAL A 269 -7.04 -15.75 -13.21
N ASN A 270 -7.34 -14.53 -13.67
CA ASN A 270 -6.86 -13.29 -13.12
C ASN A 270 -5.37 -13.04 -13.33
N TYR A 271 -4.81 -13.67 -14.37
CA TYR A 271 -3.39 -13.47 -14.68
C TYR A 271 -3.20 -12.10 -15.34
N PRO A 272 -2.42 -11.20 -14.74
CA PRO A 272 -2.23 -9.88 -15.35
C PRO A 272 -1.42 -9.87 -16.66
N GLY A 273 -1.84 -9.01 -17.58
CA GLY A 273 -1.18 -8.91 -18.86
C GLY A 273 -0.07 -7.89 -18.79
N ASP A 274 -0.17 -6.98 -17.83
CA ASP A 274 0.86 -5.97 -17.63
C ASP A 274 0.97 -5.65 -16.14
N LEU A 275 1.77 -4.66 -15.78
CA LEU A 275 1.86 -4.31 -14.38
C LEU A 275 0.42 -4.05 -13.89
N PRO A 276 0.01 -4.65 -12.75
CA PRO A 276 -1.36 -4.43 -12.23
C PRO A 276 -1.54 -3.26 -11.24
N GLY A 277 -0.47 -2.82 -10.57
CA GLY A 277 -0.66 -1.73 -9.62
C GLY A 277 -0.72 -2.11 -8.15
N TYR A 278 -0.62 -3.41 -7.83
CA TYR A 278 -0.66 -3.88 -6.45
C TYR A 278 0.09 -5.19 -6.39
N LYS A 279 0.53 -5.57 -5.20
CA LYS A 279 1.19 -6.82 -4.99
C LYS A 279 0.18 -8.02 -5.23
N TRP A 280 0.65 -9.05 -5.93
CA TRP A 280 -0.16 -10.24 -6.22
C TRP A 280 0.79 -11.47 -6.30
N GLU A 281 0.20 -12.63 -6.39
CA GLU A 281 0.95 -13.87 -6.40
C GLU A 281 0.20 -14.85 -7.34
N PHE A 282 0.99 -15.51 -8.19
CA PHE A 282 0.51 -16.47 -9.15
C PHE A 282 0.65 -17.84 -8.61
N THR A 283 -0.39 -18.65 -8.73
CA THR A 283 -0.20 -19.99 -8.23
C THR A 283 -0.69 -21.01 -9.28
N ARG A 284 -0.02 -22.17 -9.30
CA ARG A 284 -0.32 -23.30 -10.20
C ARG A 284 0.49 -24.50 -9.77
N GLY A 285 0.04 -25.66 -10.20
CA GLY A 285 0.79 -26.86 -9.90
C GLY A 285 1.93 -26.99 -10.92
N ILE A 286 2.84 -27.96 -10.73
CA ILE A 286 3.91 -28.16 -11.69
C ILE A 286 3.20 -28.79 -12.91
N GLY A 287 2.15 -29.57 -12.67
CA GLY A 287 1.34 -30.14 -13.74
C GLY A 287 0.00 -29.41 -13.69
N LEU A 288 -1.12 -30.12 -13.90
CA LEU A 288 -2.49 -29.53 -13.92
C LEU A 288 -3.29 -29.62 -12.58
N SER A 289 -2.72 -30.36 -11.63
CA SER A 289 -3.31 -30.64 -10.35
C SER A 289 -2.52 -29.97 -9.19
N PHE A 290 -3.15 -29.82 -8.01
CA PHE A 290 -2.35 -29.31 -6.91
C PHE A 290 -2.02 -30.58 -6.11
N GLY A 291 -3.04 -31.40 -5.85
CA GLY A 291 -2.84 -32.66 -5.18
C GLY A 291 -2.09 -33.60 -6.16
N TYR A 292 -1.39 -34.58 -5.58
CA TYR A 292 -0.64 -35.57 -6.36
C TYR A 292 -1.60 -36.32 -7.31
N ASN A 293 -1.24 -36.32 -8.59
CA ASN A 293 -2.02 -37.09 -9.60
C ASN A 293 -1.09 -38.14 -10.25
N ARG A 294 -1.29 -39.43 -9.97
CA ARG A 294 -0.42 -40.45 -10.58
C ARG A 294 -0.55 -40.46 -12.12
N ASN A 295 -1.66 -39.94 -12.65
CA ASN A 295 -1.88 -39.89 -14.09
C ASN A 295 -1.11 -38.83 -14.86
N GLU A 296 -0.42 -37.93 -14.19
CA GLU A 296 0.28 -36.93 -14.98
C GLU A 296 1.64 -37.42 -15.29
N GLY A 297 2.08 -37.07 -16.48
CA GLY A 297 3.41 -37.45 -16.91
C GLY A 297 4.07 -36.16 -17.31
N PRO A 298 5.29 -36.26 -17.83
CA PRO A 298 6.00 -35.05 -18.25
C PRO A 298 5.20 -34.20 -19.23
N GLU A 299 4.33 -34.83 -20.00
CA GLU A 299 3.50 -34.10 -21.00
C GLU A 299 2.50 -33.14 -20.36
N HIS A 300 2.20 -33.38 -19.09
CA HIS A 300 1.25 -32.50 -18.40
C HIS A 300 1.98 -31.46 -17.55
N MET A 301 3.30 -31.56 -17.48
CA MET A 301 4.10 -30.65 -16.64
C MET A 301 4.92 -29.57 -17.34
N LEU A 302 5.20 -28.50 -16.61
CA LEU A 302 6.04 -27.43 -17.17
C LEU A 302 7.46 -27.96 -17.15
N SER A 303 8.24 -27.55 -18.13
CA SER A 303 9.63 -27.97 -18.15
C SER A 303 10.35 -26.90 -17.31
N VAL A 304 11.58 -27.21 -16.89
CA VAL A 304 12.41 -26.28 -16.12
C VAL A 304 12.44 -24.93 -16.84
N GLU A 305 12.65 -25.01 -18.15
CA GLU A 305 12.71 -23.79 -18.93
C GLU A 305 11.41 -22.99 -18.74
N GLN A 306 10.26 -23.66 -18.85
CA GLN A 306 8.95 -22.99 -18.73
C GLN A 306 8.73 -22.42 -17.35
N LEU A 307 9.21 -23.14 -16.35
CA LEU A 307 9.12 -22.64 -15.00
C LEU A 307 9.91 -21.36 -14.88
N VAL A 308 11.11 -21.33 -15.45
CA VAL A 308 11.93 -20.12 -15.37
C VAL A 308 11.19 -19.00 -16.04
N TYR A 309 10.70 -19.23 -17.25
CA TYR A 309 10.01 -18.18 -17.97
C TYR A 309 8.79 -17.67 -17.20
N THR A 310 8.16 -18.56 -16.46
CA THR A 310 6.99 -18.22 -15.67
C THR A 310 7.35 -17.28 -14.52
N LEU A 311 8.33 -17.70 -13.74
CA LEU A 311 8.77 -16.90 -12.64
C LEU A 311 9.16 -15.53 -13.11
N VAL A 312 9.95 -15.48 -14.17
CA VAL A 312 10.40 -14.19 -14.67
C VAL A 312 9.24 -13.33 -15.07
N ASP A 313 8.33 -13.88 -15.87
CA ASP A 313 7.16 -13.10 -16.28
C ASP A 313 6.39 -12.54 -15.05
N VAL A 314 6.11 -13.40 -14.07
CA VAL A 314 5.38 -13.03 -12.85
C VAL A 314 6.11 -11.92 -12.07
N VAL A 315 7.42 -12.12 -11.87
CA VAL A 315 8.24 -11.14 -11.14
C VAL A 315 8.35 -9.78 -11.80
N SER A 316 8.46 -9.76 -13.12
CA SER A 316 8.57 -8.48 -13.84
C SER A 316 7.25 -7.73 -13.76
N LYS A 317 6.18 -8.43 -13.36
CA LYS A 317 4.90 -7.77 -13.27
C LYS A 317 4.55 -7.52 -11.78
N GLY A 318 5.56 -7.55 -10.91
CA GLY A 318 5.36 -7.31 -9.50
C GLY A 318 4.78 -8.47 -8.70
N GLY A 319 4.72 -9.68 -9.25
CA GLY A 319 4.14 -10.74 -8.45
C GLY A 319 5.15 -11.68 -7.82
N ASN A 320 4.62 -12.62 -7.03
CA ASN A 320 5.42 -13.68 -6.41
C ASN A 320 4.84 -14.91 -7.08
N LEU A 321 5.62 -15.98 -7.19
CA LEU A 321 5.10 -17.21 -7.79
C LEU A 321 4.96 -18.20 -6.67
N LEU A 322 3.77 -18.75 -6.46
CA LEU A 322 3.58 -19.76 -5.40
C LEU A 322 3.37 -21.07 -6.17
N LEU A 323 4.47 -21.82 -6.38
CA LEU A 323 4.50 -23.09 -7.15
C LEU A 323 4.11 -24.24 -6.28
N ASN A 324 3.16 -25.04 -6.74
CA ASN A 324 2.66 -26.13 -5.94
C ASN A 324 3.36 -27.46 -6.13
N VAL A 325 3.56 -28.18 -5.03
CA VAL A 325 4.12 -29.52 -5.05
C VAL A 325 2.98 -30.43 -4.51
N GLY A 326 2.78 -31.58 -5.12
CA GLY A 326 1.78 -32.51 -4.63
C GLY A 326 2.41 -33.80 -4.13
N PRO A 327 2.72 -33.94 -2.82
CA PRO A 327 3.34 -35.16 -2.26
C PRO A 327 2.45 -36.41 -2.30
N LYS A 328 3.04 -37.58 -2.11
CA LYS A 328 2.25 -38.82 -2.08
C LYS A 328 1.79 -39.09 -0.69
N GLY A 329 0.90 -40.05 -0.55
CA GLY A 329 0.41 -40.43 0.75
C GLY A 329 1.50 -40.89 1.69
N ASP A 330 2.60 -41.38 1.16
CA ASP A 330 3.64 -41.85 2.06
C ASP A 330 4.59 -40.77 2.51
N GLY A 331 4.39 -39.55 2.02
CA GLY A 331 5.24 -38.47 2.42
C GLY A 331 6.37 -38.17 1.46
N THR A 332 6.41 -38.86 0.30
CA THR A 332 7.51 -38.56 -0.62
C THR A 332 7.08 -37.61 -1.73
N ILE A 333 8.04 -36.95 -2.31
CA ILE A 333 7.74 -36.05 -3.40
C ILE A 333 8.16 -36.74 -4.70
N PRO A 334 7.23 -36.92 -5.66
CA PRO A 334 7.54 -37.59 -6.94
C PRO A 334 8.75 -37.02 -7.66
N ASP A 335 9.59 -37.88 -8.21
CA ASP A 335 10.80 -37.43 -8.94
C ASP A 335 10.54 -36.43 -10.03
N LEU A 336 9.45 -36.57 -10.78
CA LEU A 336 9.17 -35.57 -11.83
C LEU A 336 9.10 -34.16 -11.22
N GLN A 337 8.46 -34.03 -10.07
CA GLN A 337 8.33 -32.72 -9.44
C GLN A 337 9.68 -32.26 -8.85
N LYS A 338 10.33 -33.18 -8.15
CA LYS A 338 11.60 -32.90 -7.56
C LYS A 338 12.63 -32.42 -8.62
N GLU A 339 12.73 -33.12 -9.77
CA GLU A 339 13.74 -32.70 -10.77
C GLU A 339 13.43 -31.30 -11.32
N ARG A 340 12.15 -30.95 -11.42
CA ARG A 340 11.83 -29.60 -11.87
C ARG A 340 12.14 -28.54 -10.78
N LEU A 341 11.92 -28.88 -9.53
CA LEU A 341 12.23 -27.94 -8.48
C LEU A 341 13.75 -27.64 -8.47
N LEU A 342 14.53 -28.72 -8.55
CA LEU A 342 16.00 -28.63 -8.53
C LEU A 342 16.56 -27.86 -9.73
N GLY A 343 15.95 -28.04 -10.89
CA GLY A 343 16.45 -27.32 -12.05
C GLY A 343 16.25 -25.80 -11.95
N LEU A 344 15.09 -25.44 -11.39
CA LEU A 344 14.71 -24.04 -11.18
C LEU A 344 15.68 -23.46 -10.17
N GLY A 345 15.95 -24.22 -9.11
CA GLY A 345 16.87 -23.80 -8.05
C GLY A 345 18.22 -23.52 -8.67
N GLU A 346 18.62 -24.38 -9.63
CA GLU A 346 19.89 -24.16 -10.32
C GLU A 346 19.89 -22.83 -11.06
N TRP A 347 18.86 -22.52 -11.82
CA TRP A 347 18.84 -21.23 -12.52
C TRP A 347 18.83 -20.04 -11.50
N LEU A 348 18.17 -20.24 -10.35
CA LEU A 348 18.09 -19.16 -9.37
C LEU A 348 19.41 -18.92 -8.65
N ARG A 349 20.18 -19.99 -8.42
CA ARG A 349 21.49 -19.87 -7.78
C ARG A 349 22.36 -19.05 -8.72
N LYS A 350 22.11 -19.18 -10.00
CA LYS A 350 22.87 -18.44 -10.97
C LYS A 350 22.34 -17.02 -11.24
N TYR A 351 21.03 -16.83 -11.33
CA TYR A 351 20.51 -15.50 -11.67
C TYR A 351 19.71 -14.75 -10.53
N GLY A 352 19.70 -15.35 -9.34
CA GLY A 352 18.98 -14.79 -8.20
C GLY A 352 18.96 -13.29 -8.07
N ASP A 353 20.11 -12.66 -8.27
CA ASP A 353 20.24 -11.23 -8.19
C ASP A 353 19.30 -10.42 -9.07
N ALA A 354 18.88 -10.99 -10.20
CA ALA A 354 17.95 -10.29 -11.10
C ALA A 354 16.47 -10.63 -10.68
N ILE A 355 16.30 -11.40 -9.60
CA ILE A 355 14.98 -11.75 -9.15
C ILE A 355 14.64 -11.29 -7.74
N TYR A 356 15.25 -11.94 -6.75
CA TYR A 356 15.06 -11.63 -5.36
C TYR A 356 15.30 -10.14 -5.11
N GLY A 357 14.49 -9.58 -4.21
CA GLY A 357 14.64 -8.19 -3.82
C GLY A 357 14.45 -7.17 -4.93
N THR A 358 14.00 -7.59 -6.10
CA THR A 358 13.78 -6.59 -7.15
C THR A 358 12.39 -5.87 -7.07
N SER A 359 12.25 -4.80 -7.87
CA SER A 359 11.04 -3.97 -8.02
C SER A 359 10.71 -3.94 -9.50
N VAL A 360 9.49 -3.55 -9.83
CA VAL A 360 9.10 -3.45 -11.22
C VAL A 360 9.74 -2.18 -11.75
N TRP A 361 9.91 -2.15 -13.06
CA TRP A 361 10.49 -1.02 -13.76
C TRP A 361 9.31 -0.26 -14.40
N GLU A 362 9.58 0.59 -15.38
CA GLU A 362 8.53 1.36 -16.07
C GLU A 362 7.58 0.46 -16.83
N ARG A 363 8.15 -0.57 -17.45
CA ARG A 363 7.36 -1.52 -18.23
C ARG A 363 7.92 -2.89 -17.89
N CYS A 364 7.08 -3.89 -18.04
CA CYS A 364 7.49 -5.24 -17.72
C CYS A 364 8.04 -5.95 -18.91
N CYS A 365 7.69 -5.45 -20.07
CA CYS A 365 7.92 -6.24 -21.23
C CYS A 365 8.43 -5.64 -22.51
N ALA A 366 9.10 -6.49 -23.28
CA ALA A 366 9.59 -6.08 -24.58
C ALA A 366 9.88 -7.34 -25.40
N LYS A 367 10.31 -7.14 -26.63
CA LYS A 367 10.66 -8.29 -27.46
C LYS A 367 11.67 -7.92 -28.53
N THR A 368 12.44 -8.91 -28.95
CA THR A 368 13.44 -8.69 -30.00
C THR A 368 12.80 -8.77 -31.39
N GLU A 369 13.49 -8.17 -32.35
CA GLU A 369 13.10 -8.16 -33.77
C GLU A 369 12.63 -9.51 -34.27
N ASP A 370 13.22 -10.59 -33.76
CA ASP A 370 12.80 -11.89 -34.21
C ASP A 370 11.94 -12.62 -33.18
N GLY A 371 11.24 -11.83 -32.38
CA GLY A 371 10.29 -12.37 -31.41
C GLY A 371 10.66 -12.92 -30.05
N THR A 372 11.92 -12.78 -29.64
CA THR A 372 12.32 -13.29 -28.34
C THR A 372 11.72 -12.33 -27.31
N GLU A 373 10.93 -12.88 -26.40
CA GLU A 373 10.30 -12.07 -25.40
C GLU A 373 11.32 -11.64 -24.36
N ILE A 374 11.09 -10.44 -23.84
CA ILE A 374 11.98 -9.88 -22.86
C ILE A 374 11.23 -9.34 -21.65
N ARG A 375 11.82 -9.54 -20.48
CA ARG A 375 11.20 -9.01 -19.26
C ARG A 375 12.23 -8.20 -18.48
N PHE A 376 11.75 -7.17 -17.79
CA PHE A 376 12.58 -6.30 -16.96
C PHE A 376 12.32 -6.35 -15.43
N THR A 377 13.40 -6.17 -14.66
CA THR A 377 13.32 -6.05 -13.22
C THR A 377 14.31 -4.95 -12.88
N ARG A 378 14.20 -4.42 -11.67
CA ARG A 378 15.03 -3.30 -11.23
C ARG A 378 15.55 -3.43 -9.80
N LYS A 379 16.64 -2.73 -9.54
CA LYS A 379 17.23 -2.64 -8.23
C LYS A 379 17.84 -1.25 -8.24
N CYS A 380 17.06 -0.29 -7.78
CA CYS A 380 17.50 1.08 -7.74
C CYS A 380 17.81 1.44 -9.18
N ASN A 381 19.05 1.85 -9.44
CA ASN A 381 19.53 2.26 -10.76
C ASN A 381 19.80 1.09 -11.74
N ARG A 382 20.07 -0.11 -11.22
CA ARG A 382 20.35 -1.28 -12.05
C ARG A 382 19.09 -1.92 -12.63
N ILE A 383 19.02 -1.94 -13.95
CA ILE A 383 17.91 -2.51 -14.65
C ILE A 383 18.31 -3.81 -15.29
N PHE A 384 17.58 -4.87 -14.94
CA PHE A 384 17.91 -6.18 -15.48
C PHE A 384 17.08 -6.50 -16.73
N VAL A 385 17.75 -6.93 -17.79
CA VAL A 385 17.08 -7.27 -19.03
C VAL A 385 17.18 -8.80 -19.19
N ILE A 386 16.04 -9.48 -19.02
CA ILE A 386 15.94 -10.93 -19.10
C ILE A 386 15.21 -11.39 -20.38
N PHE A 387 15.93 -12.20 -21.16
CA PHE A 387 15.47 -12.75 -22.40
C PHE A 387 14.87 -14.11 -22.06
N LEU A 388 13.72 -14.41 -22.61
CA LEU A 388 13.10 -15.68 -22.32
C LEU A 388 13.65 -16.58 -23.41
N GLY A 389 14.90 -16.96 -23.23
CA GLY A 389 15.56 -17.80 -24.19
C GLY A 389 16.89 -17.11 -24.53
N ILE A 390 17.79 -17.84 -25.18
CA ILE A 390 19.08 -17.26 -25.52
C ILE A 390 19.23 -17.08 -27.04
N PRO A 391 19.29 -15.81 -27.50
CA PRO A 391 19.43 -15.46 -28.92
C PRO A 391 20.61 -16.19 -29.55
N THR A 392 20.46 -16.57 -30.82
CA THR A 392 21.48 -17.31 -31.60
C THR A 392 22.59 -16.40 -32.16
N GLY A 393 22.20 -15.26 -32.71
CA GLY A 393 23.20 -14.39 -33.28
C GLY A 393 23.73 -13.41 -32.28
N GLU A 394 24.82 -12.72 -32.63
CA GLU A 394 25.43 -11.75 -31.72
C GLU A 394 24.81 -10.39 -31.80
N LYS A 395 24.14 -10.08 -32.89
CA LYS A 395 23.53 -8.75 -33.00
C LYS A 395 22.09 -8.83 -32.52
N ILE A 396 21.76 -8.03 -31.53
CA ILE A 396 20.43 -8.08 -31.01
C ILE A 396 19.71 -6.77 -31.16
N VAL A 397 18.46 -6.85 -31.63
CA VAL A 397 17.62 -5.67 -31.82
C VAL A 397 16.35 -5.79 -30.97
N ILE A 398 16.23 -4.88 -30.01
CA ILE A 398 15.10 -4.82 -29.10
C ILE A 398 14.11 -3.79 -29.59
N GLU A 399 12.91 -4.23 -29.94
CA GLU A 399 11.89 -3.33 -30.45
C GLU A 399 11.29 -2.41 -29.40
N ASP A 400 11.03 -1.17 -29.80
CA ASP A 400 10.41 -0.17 -28.93
C ASP A 400 11.07 0.05 -27.60
N LEU A 401 12.39 0.24 -27.59
CA LEU A 401 13.09 0.49 -26.34
C LEU A 401 14.26 1.39 -26.57
N ASN A 402 14.42 2.38 -25.71
CA ASN A 402 15.57 3.27 -25.81
C ASN A 402 16.16 3.26 -24.41
N LEU A 403 17.47 3.41 -24.31
CA LEU A 403 18.11 3.42 -23.01
C LEU A 403 18.90 4.69 -22.86
N SER A 404 19.00 5.14 -21.63
CA SER A 404 19.70 6.37 -21.33
C SER A 404 20.67 6.06 -20.22
N ALA A 405 21.26 4.88 -20.28
CA ALA A 405 22.19 4.44 -19.25
C ALA A 405 23.67 4.61 -19.64
N GLY A 406 23.96 4.61 -20.93
CA GLY A 406 25.34 4.75 -21.31
C GLY A 406 26.19 3.51 -20.98
N THR A 407 25.72 2.63 -20.08
CA THR A 407 26.47 1.40 -19.75
C THR A 407 25.63 0.09 -19.56
N VAL A 408 25.69 -0.80 -20.53
CA VAL A 408 24.98 -2.08 -20.51
C VAL A 408 26.01 -3.21 -20.34
N ARG A 409 25.84 -4.11 -19.37
CA ARG A 409 26.79 -5.20 -19.15
C ARG A 409 26.15 -6.53 -19.32
N HIS A 410 26.97 -7.57 -19.46
CA HIS A 410 26.47 -8.93 -19.59
C HIS A 410 26.43 -9.36 -18.11
N PHE A 411 25.24 -9.71 -17.63
CA PHE A 411 25.07 -10.04 -16.23
C PHE A 411 25.99 -11.06 -15.65
N LEU A 412 26.09 -12.22 -16.26
CA LEU A 412 26.92 -13.27 -15.72
C LEU A 412 28.42 -12.93 -15.55
N THR A 413 29.03 -12.39 -16.62
CA THR A 413 30.45 -12.07 -16.62
C THR A 413 30.78 -10.66 -16.14
N GLY A 414 29.88 -9.73 -16.38
CA GLY A 414 30.10 -8.34 -15.99
C GLY A 414 30.65 -7.55 -17.18
N GLU A 415 30.95 -8.28 -18.25
CA GLU A 415 31.50 -7.66 -19.45
C GLU A 415 30.64 -6.55 -20.01
N ARG A 416 31.27 -5.39 -20.19
CA ARG A 416 30.62 -4.22 -20.74
C ARG A 416 30.35 -4.57 -22.20
N LEU A 417 29.21 -4.13 -22.73
CA LEU A 417 28.82 -4.44 -24.10
C LEU A 417 28.54 -3.18 -24.89
N SER A 418 28.65 -3.32 -26.21
CA SER A 418 28.43 -2.21 -27.11
C SER A 418 26.97 -2.11 -27.52
N PHE A 419 26.46 -0.89 -27.50
CA PHE A 419 25.05 -0.68 -27.84
C PHE A 419 24.80 0.78 -28.27
N LYS A 420 23.63 0.99 -28.87
CA LYS A 420 23.20 2.31 -29.27
C LYS A 420 21.71 2.27 -29.63
N ASN A 421 21.08 3.42 -29.42
CA ASN A 421 19.67 3.61 -29.72
C ASN A 421 19.54 3.92 -31.20
N VAL A 422 18.97 2.96 -31.94
CA VAL A 422 18.78 3.07 -33.36
C VAL A 422 17.28 3.28 -33.65
N GLY A 423 16.84 4.53 -33.57
CA GLY A 423 15.43 4.84 -33.80
C GLY A 423 14.60 4.55 -32.58
N LYS A 424 13.51 3.83 -32.78
CA LYS A 424 12.61 3.45 -31.68
C LYS A 424 13.09 2.12 -31.11
N ASN A 425 14.27 1.69 -31.56
CA ASN A 425 14.84 0.42 -31.13
C ASN A 425 16.17 0.60 -30.44
N LEU A 426 16.65 -0.52 -29.89
CA LEU A 426 17.90 -0.56 -29.14
C LEU A 426 18.70 -1.69 -29.70
N GLU A 427 19.90 -1.38 -30.18
CA GLU A 427 20.73 -2.41 -30.75
C GLU A 427 21.91 -2.72 -29.82
N ILE A 428 22.20 -3.99 -29.66
CA ILE A 428 23.29 -4.42 -28.79
C ILE A 428 24.03 -5.61 -29.40
N THR A 429 25.32 -5.69 -29.09
CA THR A 429 26.15 -6.77 -29.59
C THR A 429 26.62 -7.66 -28.45
N VAL A 430 26.24 -8.93 -28.52
CA VAL A 430 26.63 -9.83 -27.47
C VAL A 430 27.45 -10.95 -28.08
N PRO A 431 28.75 -10.97 -27.79
CA PRO A 431 29.71 -11.96 -28.29
C PRO A 431 29.27 -13.34 -27.92
N LYS A 432 29.29 -14.24 -28.90
CA LYS A 432 28.84 -15.60 -28.67
C LYS A 432 29.50 -16.27 -27.47
N LYS A 433 30.74 -15.93 -27.15
CA LYS A 433 31.33 -16.58 -25.99
C LYS A 433 30.50 -16.29 -24.74
N LEU A 434 29.88 -15.11 -24.65
CA LEU A 434 29.02 -14.79 -23.49
C LEU A 434 27.70 -15.54 -23.66
N LEU A 435 27.05 -15.31 -24.80
CA LEU A 435 25.83 -15.99 -25.10
C LEU A 435 25.96 -17.47 -24.75
N GLU A 436 27.17 -18.03 -24.90
CA GLU A 436 27.33 -19.44 -24.58
C GLU A 436 27.46 -19.74 -23.11
N THR A 437 27.68 -18.72 -22.29
CA THR A 437 27.80 -18.97 -20.85
C THR A 437 26.43 -18.98 -20.12
N ASP A 438 25.45 -18.31 -20.71
CA ASP A 438 24.14 -18.22 -20.11
C ASP A 438 23.39 -19.53 -20.07
N SER A 439 22.65 -19.77 -19.00
CA SER A 439 21.97 -21.04 -18.96
C SER A 439 20.63 -21.12 -19.67
N ILE A 440 19.59 -20.44 -19.23
CA ILE A 440 18.31 -20.63 -19.97
C ILE A 440 17.86 -19.28 -20.49
N THR A 441 18.46 -18.27 -19.89
CA THR A 441 18.10 -16.93 -20.23
C THR A 441 19.35 -16.08 -20.46
N LEU A 442 19.29 -15.24 -21.47
CA LEU A 442 20.35 -14.30 -21.71
C LEU A 442 20.00 -13.22 -20.70
N VAL A 443 20.92 -12.83 -19.82
CA VAL A 443 20.60 -11.72 -18.92
C VAL A 443 21.52 -10.52 -19.06
N LEU A 444 20.93 -9.35 -19.29
CA LEU A 444 21.68 -8.13 -19.39
C LEU A 444 21.37 -7.22 -18.22
N GLU A 445 22.31 -6.34 -17.93
CA GLU A 445 22.23 -5.41 -16.81
C GLU A 445 22.58 -4.03 -17.33
N ALA A 446 21.62 -3.11 -17.30
CA ALA A 446 21.85 -1.72 -17.74
C ALA A 446 21.91 -0.85 -16.49
N VAL A 447 22.75 0.18 -16.53
CA VAL A 447 22.92 1.08 -15.40
C VAL A 447 22.76 2.52 -15.88
N ARG B 7 -10.24 -1.07 -14.70
CA ARG B 7 -11.20 -0.21 -13.96
C ARG B 7 -11.31 -0.58 -12.46
N TYR B 8 -11.74 0.36 -11.64
CA TYR B 8 -11.97 0.07 -10.24
C TYR B 8 -13.47 -0.18 -10.16
N LYS B 9 -13.88 -1.14 -9.32
CA LYS B 9 -15.29 -1.40 -9.15
C LYS B 9 -15.72 -0.66 -7.92
N PRO B 10 -17.00 -0.36 -7.83
CA PRO B 10 -17.51 0.35 -6.63
C PRO B 10 -17.61 -0.56 -5.39
N ASP B 11 -16.53 -1.13 -4.94
CA ASP B 11 -16.59 -1.85 -3.68
C ASP B 11 -15.27 -1.69 -2.94
N TRP B 12 -15.33 -1.64 -1.61
CA TRP B 12 -14.12 -1.41 -0.84
C TRP B 12 -12.96 -2.36 -1.15
N GLU B 13 -13.27 -3.62 -1.44
CA GLU B 13 -12.26 -4.65 -1.72
C GLU B 13 -11.53 -4.34 -3.02
N SER B 14 -12.26 -3.77 -3.96
CA SER B 14 -11.68 -3.43 -5.25
C SER B 14 -10.94 -2.10 -5.15
N LEU B 15 -11.56 -1.11 -4.51
CA LEU B 15 -10.93 0.21 -4.37
C LEU B 15 -9.60 0.14 -3.59
N ARG B 16 -9.42 -0.89 -2.75
CA ARG B 16 -8.15 -1.09 -2.00
C ARG B 16 -6.95 -1.27 -2.96
N GLU B 17 -7.23 -1.74 -4.17
CA GLU B 17 -6.22 -1.88 -5.21
C GLU B 17 -5.53 -0.55 -5.52
N HIS B 18 -6.16 0.56 -5.17
CA HIS B 18 -5.56 1.84 -5.47
C HIS B 18 -4.77 2.32 -4.26
N THR B 19 -3.49 2.58 -4.44
CA THR B 19 -2.67 3.03 -3.36
C THR B 19 -2.21 4.44 -3.62
N VAL B 20 -1.60 5.08 -2.61
CA VAL B 20 -1.18 6.43 -2.77
C VAL B 20 -0.30 6.49 -4.02
N PRO B 21 -0.55 7.46 -4.91
CA PRO B 21 0.28 7.57 -6.12
C PRO B 21 1.68 8.03 -5.79
N LYS B 22 2.63 7.68 -6.66
CA LYS B 22 4.03 8.07 -6.49
C LYS B 22 4.27 9.56 -6.36
N TRP B 23 3.60 10.31 -7.22
CA TRP B 23 3.82 11.73 -7.18
C TRP B 23 3.57 12.25 -5.80
N PHE B 24 2.53 11.76 -5.14
CA PHE B 24 2.20 12.28 -3.83
C PHE B 24 3.22 11.86 -2.76
N ASP B 25 3.62 10.61 -2.79
CA ASP B 25 4.62 10.11 -1.86
C ASP B 25 5.96 10.85 -2.01
N LYS B 26 6.33 11.21 -3.24
CA LYS B 26 7.60 11.89 -3.49
C LYS B 26 7.57 13.39 -3.30
N ALA B 27 6.36 13.97 -3.39
CA ALA B 27 6.20 15.42 -3.30
C ALA B 27 6.60 16.06 -1.97
N LYS B 28 6.35 15.33 -0.88
CA LYS B 28 6.69 15.78 0.46
C LYS B 28 6.14 17.08 1.03
N PHE B 29 5.88 18.10 0.21
CA PHE B 29 5.43 19.40 0.75
C PHE B 29 4.36 20.06 -0.08
N GLY B 30 3.26 20.44 0.57
CA GLY B 30 2.18 21.06 -0.17
C GLY B 30 1.64 22.27 0.59
N ILE B 31 0.90 23.13 -0.12
CA ILE B 31 0.30 24.30 0.45
C ILE B 31 -1.23 24.13 0.59
N PHE B 32 -1.71 24.40 1.81
CA PHE B 32 -3.13 24.36 2.12
C PHE B 32 -3.54 25.83 2.08
N ILE B 33 -4.76 26.11 1.64
CA ILE B 33 -5.25 27.48 1.60
C ILE B 33 -6.68 27.59 2.16
N HIS B 34 -6.80 28.12 3.35
CA HIS B 34 -8.12 28.33 3.95
C HIS B 34 -8.47 29.79 3.61
N TRP B 35 -9.44 29.97 2.72
CA TRP B 35 -9.80 31.29 2.26
C TRP B 35 -11.28 31.31 2.03
N GLY B 36 -11.97 32.25 2.62
CA GLY B 36 -13.39 32.33 2.43
C GLY B 36 -13.87 33.67 2.99
N ILE B 37 -15.18 33.78 3.17
CA ILE B 37 -15.72 35.01 3.66
C ILE B 37 -15.30 35.24 5.10
N TYR B 38 -14.85 34.19 5.78
CA TYR B 38 -14.43 34.38 7.16
C TYR B 38 -13.12 35.17 7.08
N SER B 39 -12.45 35.13 5.94
CA SER B 39 -11.21 35.92 5.82
C SER B 39 -11.45 37.46 5.98
N VAL B 40 -12.69 37.89 5.78
CA VAL B 40 -12.92 39.31 5.85
C VAL B 40 -12.80 39.78 7.29
N PRO B 41 -13.57 39.20 8.22
CA PRO B 41 -13.32 39.76 9.54
C PRO B 41 -11.92 39.34 10.02
N GLY B 42 -11.42 38.22 9.50
CA GLY B 42 -10.11 37.68 9.84
C GLY B 42 -9.74 37.86 11.31
N TRP B 43 -10.52 37.30 12.23
CA TRP B 43 -10.28 37.47 13.67
C TRP B 43 -10.55 36.24 14.54
N ALA B 44 -9.61 35.96 15.45
CA ALA B 44 -9.73 34.89 16.45
C ALA B 44 -8.80 35.20 17.64
N THR B 45 -9.13 34.63 18.78
CA THR B 45 -8.31 34.78 19.97
C THR B 45 -7.26 33.67 19.75
N PRO B 46 -5.96 34.04 19.62
CA PRO B 46 -4.90 33.04 19.41
C PRO B 46 -4.60 32.31 20.73
N THR B 47 -5.50 31.41 21.10
CA THR B 47 -5.41 30.71 22.38
C THR B 47 -4.28 29.69 22.52
N GLY B 48 -4.01 28.93 21.47
CA GLY B 48 -2.96 27.93 21.57
C GLY B 48 -3.16 26.91 20.48
N GLU B 49 -2.34 25.86 20.51
CA GLU B 49 -2.38 24.79 19.52
C GLU B 49 -3.36 23.67 19.85
N LEU B 50 -4.07 23.19 18.81
CA LEU B 50 -5.02 22.08 18.98
C LEU B 50 -4.29 20.89 19.62
N GLY B 51 -4.89 20.35 20.69
CA GLY B 51 -4.31 19.24 21.41
C GLY B 51 -3.72 19.74 22.71
N LYS B 52 -3.48 21.05 22.82
CA LYS B 52 -2.93 21.62 24.05
C LYS B 52 -3.94 22.45 24.82
N VAL B 53 -4.97 22.92 24.11
CA VAL B 53 -6.02 23.72 24.73
C VAL B 53 -7.13 22.81 25.20
N PRO B 54 -7.54 22.93 26.47
CA PRO B 54 -8.64 22.08 27.00
C PRO B 54 -9.92 22.22 26.14
N MET B 55 -10.42 21.07 25.68
CA MET B 55 -11.60 21.07 24.85
C MET B 55 -12.88 21.66 25.46
N ASP B 56 -12.90 21.90 26.77
CA ASP B 56 -14.05 22.52 27.42
C ASP B 56 -14.05 24.03 27.28
N ALA B 57 -12.96 24.59 26.78
CA ALA B 57 -12.86 26.00 26.57
C ALA B 57 -12.66 26.31 25.07
N TRP B 58 -12.05 25.37 24.36
CA TRP B 58 -11.69 25.52 22.96
C TRP B 58 -12.70 26.23 22.05
N PHE B 59 -13.97 25.79 22.03
CA PHE B 59 -14.94 26.43 21.15
C PHE B 59 -15.38 27.82 21.57
N PHE B 60 -15.12 28.16 22.84
CA PHE B 60 -15.49 29.46 23.40
C PHE B 60 -14.38 30.47 23.14
N GLN B 61 -13.18 29.98 22.77
CA GLN B 61 -12.04 30.86 22.51
C GLN B 61 -11.28 30.16 21.43
N ASN B 62 -11.98 29.96 20.34
CA ASN B 62 -11.43 29.24 19.23
C ASN B 62 -10.30 29.95 18.49
N PRO B 63 -9.10 29.35 18.41
CA PRO B 63 -8.03 30.04 17.67
C PRO B 63 -8.14 29.93 16.12
N TYR B 64 -9.08 29.11 15.63
CA TYR B 64 -9.32 28.93 14.19
C TYR B 64 -10.24 30.05 13.71
N ALA B 65 -9.67 31.09 13.07
CA ALA B 65 -10.47 32.25 12.63
C ALA B 65 -11.52 31.83 11.64
N GLU B 66 -11.25 30.76 10.89
CA GLU B 66 -12.27 30.27 9.95
C GLU B 66 -13.52 29.70 10.69
N TRP B 67 -13.49 29.66 12.04
CA TRP B 67 -14.63 29.18 12.84
C TRP B 67 -15.42 30.37 13.36
N TYR B 68 -15.12 31.53 12.79
CA TYR B 68 -15.79 32.78 13.18
C TYR B 68 -17.31 32.66 13.32
N GLU B 69 -17.98 32.15 12.30
CA GLU B 69 -19.43 32.03 12.40
C GLU B 69 -19.90 31.18 13.63
N ASN B 70 -19.25 30.05 13.86
CA ASN B 70 -19.63 29.23 15.01
C ASN B 70 -19.36 30.06 16.29
N SER B 71 -18.19 30.70 16.38
CA SER B 71 -17.91 31.56 17.53
C SER B 71 -18.94 32.69 17.62
N LEU B 72 -19.33 33.28 16.50
CA LEU B 72 -20.32 34.37 16.53
C LEU B 72 -21.64 33.87 17.10
N ARG B 73 -22.00 32.63 16.78
CA ARG B 73 -23.26 32.09 17.30
C ARG B 73 -23.25 31.84 18.83
N ILE B 74 -22.08 31.82 19.47
CA ILE B 74 -22.05 31.62 20.93
C ILE B 74 -22.02 33.04 21.54
N LYS B 75 -23.15 33.50 22.05
CA LYS B 75 -23.25 34.85 22.64
C LYS B 75 -22.23 35.12 23.73
N GLU B 76 -21.72 36.33 23.74
CA GLU B 76 -20.72 36.67 24.72
C GLU B 76 -19.61 35.59 24.68
N SER B 77 -18.96 35.55 23.53
CA SER B 77 -17.81 34.69 23.33
C SER B 77 -16.90 35.83 22.87
N PRO B 78 -15.59 35.67 22.96
CA PRO B 78 -14.83 36.84 22.49
C PRO B 78 -15.28 37.31 21.09
N THR B 79 -15.59 36.38 20.22
CA THR B 79 -16.00 36.74 18.87
C THR B 79 -17.29 37.57 18.81
N TRP B 80 -18.28 37.18 19.59
CA TRP B 80 -19.53 37.89 19.61
C TRP B 80 -19.30 39.36 20.00
N GLU B 81 -18.54 39.58 21.07
CA GLU B 81 -18.21 40.93 21.52
C GLU B 81 -17.43 41.66 20.47
N TYR B 82 -16.39 41.04 19.93
CA TYR B 82 -15.65 41.71 18.90
C TYR B 82 -16.57 42.12 17.76
N HIS B 83 -17.40 41.17 17.33
CA HIS B 83 -18.27 41.43 16.20
C HIS B 83 -19.28 42.57 16.42
N VAL B 84 -19.98 42.51 17.55
CA VAL B 84 -20.99 43.50 17.89
C VAL B 84 -20.44 44.92 17.94
N LYS B 85 -19.20 45.05 18.40
CA LYS B 85 -18.56 46.34 18.49
C LYS B 85 -17.98 46.83 17.16
N THR B 86 -17.54 45.90 16.32
CA THR B 86 -16.93 46.26 15.06
C THR B 86 -17.94 46.40 13.90
N TYR B 87 -18.90 45.49 13.86
CA TYR B 87 -19.87 45.44 12.78
C TYR B 87 -21.30 45.73 13.19
N GLY B 88 -21.61 45.43 14.45
CA GLY B 88 -22.94 45.65 14.96
C GLY B 88 -23.73 44.38 15.01
N GLU B 89 -24.79 44.39 15.78
CA GLU B 89 -25.66 43.23 15.95
C GLU B 89 -26.56 42.98 14.75
N ASN B 90 -26.81 44.03 13.95
CA ASN B 90 -27.67 43.88 12.75
C ASN B 90 -26.79 43.52 11.58
N PHE B 91 -25.73 42.74 11.84
CA PHE B 91 -24.82 42.40 10.79
C PHE B 91 -24.58 40.89 10.81
N GLU B 92 -25.36 40.18 10.00
CA GLU B 92 -25.30 38.72 9.90
C GLU B 92 -24.00 38.32 9.25
N TYR B 93 -23.51 37.18 9.68
CA TYR B 93 -22.31 36.59 9.15
C TYR B 93 -22.32 36.50 7.59
N GLU B 94 -23.44 36.10 7.03
CA GLU B 94 -23.63 35.94 5.59
C GLU B 94 -23.23 37.19 4.81
N LYS B 95 -23.49 38.35 5.40
CA LYS B 95 -23.21 39.65 4.83
C LYS B 95 -21.75 39.74 4.35
N PHE B 96 -20.85 39.04 5.04
CA PHE B 96 -19.45 39.04 4.66
C PHE B 96 -19.26 38.47 3.28
N ALA B 97 -20.23 37.72 2.76
CA ALA B 97 -20.06 37.20 1.38
C ALA B 97 -20.04 38.33 0.34
N ASP B 98 -20.67 39.42 0.68
CA ASP B 98 -20.72 40.56 -0.20
C ASP B 98 -19.50 41.41 0.00
N LEU B 99 -18.88 41.32 1.18
CA LEU B 99 -17.67 42.10 1.42
C LEU B 99 -16.45 41.38 0.91
N PHE B 100 -16.61 40.10 0.58
CA PHE B 100 -15.48 39.30 0.14
C PHE B 100 -15.18 39.58 -1.36
N THR B 101 -14.42 40.63 -1.64
CA THR B 101 -14.23 40.96 -3.06
C THR B 101 -12.95 40.60 -3.77
N ALA B 102 -11.97 40.08 -3.04
CA ALA B 102 -10.73 39.62 -3.67
C ALA B 102 -10.19 40.63 -4.70
N GLU B 103 -10.34 41.90 -4.38
CA GLU B 103 -9.94 43.05 -5.20
C GLU B 103 -8.50 42.97 -5.72
N LYS B 104 -7.62 42.39 -4.93
CA LYS B 104 -6.23 42.32 -5.34
C LYS B 104 -5.71 40.97 -5.64
N TRP B 105 -6.59 40.01 -5.85
CA TRP B 105 -6.18 38.66 -6.10
C TRP B 105 -5.56 38.44 -7.45
N ASP B 106 -4.45 37.70 -7.47
CA ASP B 106 -3.74 37.40 -8.72
C ASP B 106 -3.27 35.94 -8.55
N PRO B 107 -4.07 35.01 -9.06
CA PRO B 107 -3.69 33.61 -8.92
C PRO B 107 -2.29 33.23 -9.38
N GLN B 108 -1.81 33.83 -10.46
CA GLN B 108 -0.45 33.50 -10.92
C GLN B 108 0.57 33.97 -9.91
N GLU B 109 0.34 35.11 -9.26
CA GLU B 109 1.26 35.51 -8.21
C GLU B 109 1.23 34.43 -7.06
N TRP B 110 0.05 33.90 -6.70
CA TRP B 110 -0.03 32.88 -5.62
C TRP B 110 0.78 31.66 -6.05
N ALA B 111 0.56 31.23 -7.27
CA ALA B 111 1.25 30.09 -7.81
C ALA B 111 2.78 30.28 -7.89
N ASP B 112 3.22 31.47 -8.30
CA ASP B 112 4.65 31.74 -8.34
C ASP B 112 5.21 31.57 -6.94
N LEU B 113 4.55 32.21 -5.97
CA LEU B 113 4.94 32.14 -4.58
C LEU B 113 5.03 30.69 -4.00
N PHE B 114 4.04 29.85 -4.29
CA PHE B 114 4.00 28.48 -3.76
C PHE B 114 5.09 27.64 -4.43
N LYS B 115 5.35 27.92 -5.71
CA LYS B 115 6.44 27.24 -6.38
C LYS B 115 7.82 27.66 -5.75
N LYS B 116 8.05 28.96 -5.53
CA LYS B 116 9.30 29.43 -4.90
C LYS B 116 9.48 28.83 -3.48
N ALA B 117 8.37 28.68 -2.75
CA ALA B 117 8.39 28.12 -1.39
C ALA B 117 8.78 26.62 -1.35
N GLY B 118 8.75 25.97 -2.51
CA GLY B 118 9.13 24.56 -2.59
C GLY B 118 7.92 23.62 -2.63
N ALA B 119 6.69 24.12 -2.54
CA ALA B 119 5.51 23.22 -2.60
C ALA B 119 5.32 22.56 -3.94
N LYS B 120 4.81 21.34 -3.91
CA LYS B 120 4.59 20.61 -5.17
C LYS B 120 3.13 20.40 -5.47
N TYR B 121 2.27 20.78 -4.52
CA TYR B 121 0.85 20.68 -4.72
C TYR B 121 0.18 21.73 -3.92
N VAL B 122 -1.04 22.04 -4.32
CA VAL B 122 -1.79 23.11 -3.68
C VAL B 122 -3.24 22.68 -3.55
N ILE B 123 -3.82 22.97 -2.39
CA ILE B 123 -5.18 22.56 -2.09
C ILE B 123 -6.00 23.66 -1.39
N PRO B 124 -6.87 24.29 -2.14
CA PRO B 124 -7.69 25.34 -1.53
C PRO B 124 -9.00 24.79 -0.96
N THR B 125 -9.57 25.51 0.01
CA THR B 125 -10.86 25.16 0.58
C THR B 125 -11.92 25.52 -0.50
N THR B 126 -12.57 24.53 -1.12
CA THR B 126 -13.62 24.85 -2.10
C THR B 126 -14.95 25.25 -1.39
N LYS B 127 -15.11 24.73 -0.16
CA LYS B 127 -16.29 25.00 0.71
C LYS B 127 -15.91 24.63 2.14
N HIS B 128 -15.87 25.59 3.05
CA HIS B 128 -15.50 25.28 4.43
C HIS B 128 -16.78 25.08 5.24
N HIS B 129 -16.69 25.03 6.57
CA HIS B 129 -17.88 24.74 7.40
C HIS B 129 -19.05 25.69 7.22
N ASP B 130 -18.76 26.94 6.88
CA ASP B 130 -19.82 27.92 6.72
C ASP B 130 -20.64 27.70 5.43
N GLY B 131 -20.24 26.74 4.60
CA GLY B 131 -21.04 26.43 3.44
C GLY B 131 -20.85 27.30 2.22
N PHE B 132 -19.99 28.33 2.32
CA PHE B 132 -19.77 29.22 1.19
C PHE B 132 -18.87 28.56 0.12
N CYS B 133 -19.34 28.54 -1.11
CA CYS B 133 -18.60 27.86 -2.15
C CYS B 133 -17.73 28.77 -3.05
N LEU B 134 -16.49 28.37 -3.22
CA LEU B 134 -15.56 29.15 -4.01
C LEU B 134 -15.49 28.79 -5.51
N TRP B 135 -16.51 28.14 -6.05
CA TRP B 135 -16.59 27.90 -7.50
C TRP B 135 -18.06 28.12 -7.90
N GLY B 136 -18.36 28.29 -9.18
CA GLY B 136 -19.75 28.52 -9.55
C GLY B 136 -20.62 27.27 -9.52
N THR B 137 -20.75 26.63 -8.36
CA THR B 137 -21.55 25.41 -8.25
C THR B 137 -23.02 25.66 -8.65
N LYS B 138 -23.68 24.64 -9.17
CA LYS B 138 -25.07 24.89 -9.51
C LYS B 138 -26.01 24.43 -8.41
N TYR B 139 -25.48 24.03 -7.26
CA TYR B 139 -26.35 23.53 -6.23
C TYR B 139 -26.65 24.48 -5.10
N THR B 140 -25.98 25.62 -5.17
CA THR B 140 -26.29 26.65 -4.21
C THR B 140 -25.90 28.00 -4.80
N ASP B 141 -26.64 29.04 -4.41
CA ASP B 141 -26.30 30.40 -4.86
C ASP B 141 -25.31 31.07 -3.92
N PHE B 142 -25.03 30.42 -2.78
CA PHE B 142 -24.11 30.98 -1.79
C PHE B 142 -22.70 30.62 -2.29
N ASN B 143 -22.23 31.33 -3.32
CA ASN B 143 -20.94 30.99 -3.88
C ASN B 143 -20.22 32.23 -4.48
N SER B 144 -18.94 32.10 -4.75
CA SER B 144 -18.14 33.19 -5.21
C SER B 144 -18.46 33.83 -6.58
N VAL B 145 -19.16 33.09 -7.47
CA VAL B 145 -19.54 33.58 -8.80
C VAL B 145 -20.75 34.53 -8.62
N LYS B 146 -21.71 34.11 -7.80
CA LYS B 146 -22.89 34.93 -7.51
C LYS B 146 -22.70 36.09 -6.49
N ARG B 147 -21.86 35.89 -5.48
CA ARG B 147 -21.69 36.94 -4.47
C ARG B 147 -20.25 37.37 -4.51
N GLY B 148 -19.89 38.31 -3.63
CA GLY B 148 -18.53 38.80 -3.49
C GLY B 148 -17.52 38.95 -4.62
N PRO B 149 -16.66 37.94 -4.84
CA PRO B 149 -15.65 38.04 -5.90
C PRO B 149 -16.17 38.08 -7.31
N LYS B 150 -17.38 37.54 -7.54
CA LYS B 150 -17.97 37.46 -8.88
C LYS B 150 -16.98 36.72 -9.73
N ARG B 151 -16.50 35.60 -9.21
CA ARG B 151 -15.48 34.90 -9.95
C ARG B 151 -15.30 33.42 -9.48
N ASP B 152 -14.94 32.54 -10.41
CA ASP B 152 -14.69 31.15 -10.09
C ASP B 152 -13.27 31.01 -9.50
N LEU B 153 -13.16 31.26 -8.20
CA LEU B 153 -11.88 31.18 -7.53
C LEU B 153 -11.20 29.83 -7.65
N VAL B 154 -11.95 28.75 -7.51
CA VAL B 154 -11.32 27.41 -7.59
C VAL B 154 -10.73 27.15 -9.00
N GLY B 155 -11.55 27.38 -10.03
CA GLY B 155 -11.14 27.14 -11.40
C GLY B 155 -9.92 27.95 -11.81
N ASP B 156 -9.96 29.24 -11.50
CA ASP B 156 -8.88 30.15 -11.79
C ASP B 156 -7.63 29.81 -11.04
N LEU B 157 -7.76 29.32 -9.80
CA LEU B 157 -6.54 29.00 -9.08
C LEU B 157 -5.96 27.73 -9.65
N ALA B 158 -6.82 26.76 -9.98
CA ALA B 158 -6.36 25.48 -10.53
C ALA B 158 -5.55 25.68 -11.84
N LYS B 159 -6.05 26.57 -12.71
CA LYS B 159 -5.38 26.85 -14.00
C LYS B 159 -3.98 27.45 -13.73
N ALA B 160 -3.90 28.42 -12.82
CA ALA B 160 -2.62 29.02 -12.47
C ALA B 160 -1.65 27.99 -11.82
N VAL B 161 -2.15 27.21 -10.86
CA VAL B 161 -1.31 26.22 -10.21
C VAL B 161 -0.76 25.22 -11.20
N ARG B 162 -1.61 24.75 -12.09
CA ARG B 162 -1.20 23.77 -13.07
C ARG B 162 -0.24 24.33 -14.08
N GLU B 163 -0.46 25.59 -14.47
CA GLU B 163 0.48 26.25 -15.38
C GLU B 163 1.89 26.37 -14.73
N ALA B 164 1.95 26.53 -13.40
CA ALA B 164 3.21 26.60 -12.70
C ALA B 164 3.84 25.21 -12.53
N GLY B 165 3.17 24.17 -13.02
CA GLY B 165 3.70 22.81 -12.92
C GLY B 165 3.42 22.06 -11.60
N LEU B 166 2.55 22.60 -10.74
CA LEU B 166 2.22 21.99 -9.46
C LEU B 166 0.91 21.23 -9.58
N ARG B 167 0.73 20.26 -8.67
CA ARG B 167 -0.49 19.45 -8.59
C ARG B 167 -1.57 20.28 -7.89
N PHE B 168 -2.83 19.97 -8.17
CA PHE B 168 -3.93 20.73 -7.60
C PHE B 168 -5.01 19.84 -6.98
N GLY B 169 -5.29 20.08 -5.71
CA GLY B 169 -6.32 19.30 -5.07
C GLY B 169 -7.44 20.20 -4.55
N VAL B 170 -8.44 19.56 -3.95
CA VAL B 170 -9.54 20.29 -3.38
C VAL B 170 -9.90 19.79 -1.98
N TYR B 171 -10.21 20.76 -1.15
CA TYR B 171 -10.66 20.56 0.20
C TYR B 171 -12.17 20.84 0.11
N TYR B 172 -12.94 20.03 0.80
CA TYR B 172 -14.38 20.17 0.87
C TYR B 172 -14.85 19.77 2.28
N SER B 173 -15.55 20.69 2.95
CA SER B 173 -16.09 20.35 4.28
C SER B 173 -17.32 19.43 4.13
N GLY B 174 -17.08 18.13 4.00
CA GLY B 174 -18.20 17.21 3.87
C GLY B 174 -18.93 17.01 5.16
N GLY B 175 -18.23 16.94 6.27
CA GLY B 175 -18.97 16.69 7.51
C GLY B 175 -19.73 17.80 8.20
N LEU B 176 -19.47 19.05 7.80
CA LEU B 176 -20.12 20.17 8.43
C LEU B 176 -20.48 21.23 7.44
N ASP B 177 -21.67 21.81 7.64
CA ASP B 177 -22.16 22.90 6.82
C ASP B 177 -23.16 23.66 7.67
N TRP B 178 -22.75 24.85 8.13
CA TRP B 178 -23.59 25.67 9.02
C TRP B 178 -24.80 26.34 8.32
N ARG B 179 -24.93 26.12 7.01
CA ARG B 179 -26.09 26.66 6.34
C ARG B 179 -27.23 25.68 6.65
N PHE B 180 -26.92 24.53 7.23
CA PHE B 180 -27.96 23.55 7.54
C PHE B 180 -28.23 23.37 9.04
N THR B 181 -27.57 24.17 9.90
CA THR B 181 -27.78 24.02 11.33
C THR B 181 -27.98 25.39 11.95
N THR B 182 -28.46 25.48 13.19
CA THR B 182 -28.62 26.81 13.77
C THR B 182 -27.81 26.94 15.07
N GLU B 183 -27.73 25.87 15.80
CA GLU B 183 -27.02 25.87 17.06
C GLU B 183 -25.51 25.70 16.82
N PRO B 184 -24.67 26.45 17.56
CA PRO B 184 -23.22 26.36 17.44
C PRO B 184 -22.72 25.13 18.21
N ILE B 185 -21.49 24.75 17.90
CA ILE B 185 -20.77 23.67 18.54
C ILE B 185 -20.16 24.32 19.78
N ARG B 186 -20.49 23.85 20.98
CA ARG B 186 -19.94 24.47 22.19
C ARG B 186 -18.91 23.57 22.83
N TYR B 187 -19.13 22.25 22.67
CA TYR B 187 -18.26 21.18 23.22
C TYR B 187 -18.04 20.07 22.17
N PRO B 188 -16.96 19.32 22.31
CA PRO B 188 -16.73 18.25 21.32
C PRO B 188 -17.94 17.28 21.15
N GLU B 189 -18.65 17.00 22.24
CA GLU B 189 -19.81 16.12 22.24
C GLU B 189 -20.89 16.57 21.23
N ASP B 190 -21.10 17.89 21.11
CA ASP B 190 -22.09 18.44 20.19
C ASP B 190 -21.90 17.99 18.74
N LEU B 191 -20.65 17.72 18.36
CA LEU B 191 -20.39 17.26 17.00
C LEU B 191 -21.09 15.92 16.69
N SER B 192 -21.52 15.24 17.74
CA SER B 192 -22.14 13.96 17.50
C SER B 192 -23.62 14.13 17.07
N TYR B 193 -24.24 15.28 17.32
CA TYR B 193 -25.62 15.47 16.85
C TYR B 193 -25.89 16.78 16.08
N ILE B 194 -25.05 17.80 16.24
CA ILE B 194 -25.29 19.05 15.50
C ILE B 194 -24.56 19.00 14.15
N ARG B 195 -25.24 18.43 13.18
CA ARG B 195 -24.75 18.18 11.81
C ARG B 195 -26.01 18.35 10.97
N PRO B 196 -25.84 18.48 9.64
CA PRO B 196 -27.01 18.65 8.76
C PRO B 196 -28.00 17.48 9.02
N ASN B 197 -27.48 16.23 9.05
CA ASN B 197 -28.27 15.04 9.34
C ASN B 197 -29.29 14.55 8.33
N THR B 198 -29.66 15.35 7.33
CA THR B 198 -30.68 14.97 6.38
C THR B 198 -30.19 14.23 5.12
N TYR B 199 -31.14 13.49 4.46
CA TYR B 199 -30.83 12.79 3.20
C TYR B 199 -30.49 13.88 2.16
N GLU B 200 -31.23 14.97 2.22
CA GLU B 200 -31.01 16.09 1.33
C GLU B 200 -29.50 16.56 1.41
N TYR B 201 -28.96 16.72 2.63
CA TYR B 201 -27.60 17.16 2.77
C TYR B 201 -26.60 16.14 2.20
N ALA B 202 -26.86 14.85 2.44
CA ALA B 202 -26.02 13.81 1.92
C ALA B 202 -25.96 13.85 0.35
N ASP B 203 -27.10 14.13 -0.31
CA ASP B 203 -27.14 14.20 -1.78
C ASP B 203 -26.32 15.43 -2.20
N TYR B 204 -26.52 16.51 -1.48
CA TYR B 204 -25.84 17.77 -1.76
C TYR B 204 -24.34 17.59 -1.76
N ALA B 205 -23.81 17.00 -0.70
CA ALA B 205 -22.38 16.81 -0.55
C ALA B 205 -21.85 15.95 -1.70
N TYR B 206 -22.58 14.88 -1.98
CA TYR B 206 -22.22 13.96 -3.07
C TYR B 206 -22.21 14.71 -4.38
N LYS B 207 -23.24 15.50 -4.61
CA LYS B 207 -23.28 16.22 -5.88
C LYS B 207 -22.22 17.26 -5.96
N GLN B 208 -21.90 17.91 -4.86
CA GLN B 208 -20.84 18.92 -4.93
C GLN B 208 -19.45 18.34 -5.20
N VAL B 209 -19.10 17.20 -4.58
CA VAL B 209 -17.77 16.63 -4.82
C VAL B 209 -17.67 16.02 -6.24
N MET B 210 -18.76 15.38 -6.71
CA MET B 210 -18.83 14.85 -8.08
C MET B 210 -18.63 16.07 -9.07
N GLU B 211 -19.26 17.20 -8.74
CA GLU B 211 -19.14 18.39 -9.56
C GLU B 211 -17.69 18.87 -9.64
N LEU B 212 -16.99 18.84 -8.51
CA LEU B 212 -15.61 19.28 -8.45
C LEU B 212 -14.75 18.36 -9.29
N VAL B 213 -15.04 17.06 -9.20
CA VAL B 213 -14.37 16.07 -9.97
C VAL B 213 -14.59 16.32 -11.49
N ASP B 214 -15.85 16.51 -11.90
CA ASP B 214 -16.15 16.76 -13.31
C ASP B 214 -15.56 18.06 -13.86
N LEU B 215 -15.55 19.14 -13.08
CA LEU B 215 -15.02 20.45 -13.54
C LEU B 215 -13.50 20.61 -13.47
N TYR B 216 -12.88 20.02 -12.44
CA TYR B 216 -11.45 20.27 -12.24
C TYR B 216 -10.57 19.07 -12.14
N LEU B 217 -11.17 17.87 -12.07
CA LEU B 217 -10.48 16.57 -11.92
C LEU B 217 -9.23 16.74 -11.01
N PRO B 218 -9.47 17.15 -9.76
CA PRO B 218 -8.37 17.37 -8.79
C PRO B 218 -7.44 16.16 -8.56
N ASP B 219 -6.20 16.45 -8.13
CA ASP B 219 -5.21 15.45 -7.85
C ASP B 219 -5.39 14.83 -6.45
N VAL B 220 -6.18 15.49 -5.62
CA VAL B 220 -6.46 15.05 -4.28
C VAL B 220 -7.85 15.53 -3.87
N LEU B 221 -8.64 14.62 -3.30
CA LEU B 221 -9.96 14.96 -2.74
C LEU B 221 -9.69 14.96 -1.23
N TRP B 222 -9.64 16.15 -0.66
CA TRP B 222 -9.34 16.29 0.76
C TRP B 222 -10.62 16.60 1.54
N ASN B 223 -11.28 15.57 2.09
CA ASN B 223 -12.51 15.81 2.83
C ASN B 223 -12.24 16.16 4.28
N ASP B 224 -13.15 16.88 4.92
CA ASP B 224 -12.90 17.17 6.31
C ASP B 224 -14.16 16.95 7.13
N MET B 225 -13.95 16.63 8.40
CA MET B 225 -15.00 16.40 9.38
C MET B 225 -15.88 15.21 9.17
N GLY B 226 -15.37 14.20 8.48
CA GLY B 226 -16.16 13.01 8.22
C GLY B 226 -17.17 13.20 7.13
N TRP B 227 -17.86 12.13 6.78
CA TRP B 227 -18.87 12.19 5.73
C TRP B 227 -20.23 11.82 6.30
N PRO B 228 -21.31 12.49 5.84
CA PRO B 228 -22.71 12.26 6.25
C PRO B 228 -22.94 10.76 6.29
N GLU B 229 -23.43 10.27 7.42
CA GLU B 229 -23.67 8.83 7.60
C GLU B 229 -24.53 8.26 6.47
N LYS B 230 -25.57 9.01 6.08
CA LYS B 230 -26.46 8.58 5.06
C LYS B 230 -25.82 8.48 3.65
N GLY B 231 -24.71 9.18 3.50
CA GLY B 231 -23.99 9.23 2.26
C GLY B 231 -22.76 8.37 2.16
N LYS B 232 -22.37 7.70 3.24
CA LYS B 232 -21.17 6.84 3.20
C LYS B 232 -21.12 5.80 2.10
N GLU B 233 -22.24 5.13 1.85
CA GLU B 233 -22.27 4.13 0.82
C GLU B 233 -22.04 4.73 -0.52
N ASP B 234 -22.39 6.02 -0.68
CA ASP B 234 -22.19 6.74 -1.93
C ASP B 234 -20.70 6.82 -2.36
N LEU B 235 -19.78 6.88 -1.37
CA LEU B 235 -18.34 7.03 -1.62
C LEU B 235 -17.75 5.87 -2.42
N LYS B 236 -18.35 4.70 -2.36
CA LYS B 236 -17.83 3.57 -3.17
C LYS B 236 -17.93 3.99 -4.65
N TYR B 237 -19.08 4.58 -4.98
CA TYR B 237 -19.33 5.01 -6.37
C TYR B 237 -18.50 6.24 -6.71
N LEU B 238 -18.46 7.19 -5.78
CA LEU B 238 -17.70 8.38 -6.04
C LEU B 238 -16.21 8.09 -6.26
N PHE B 239 -15.61 7.27 -5.37
CA PHE B 239 -14.21 6.91 -5.45
C PHE B 239 -13.92 6.13 -6.78
N ALA B 240 -14.79 5.17 -7.10
CA ALA B 240 -14.56 4.42 -8.33
C ALA B 240 -14.66 5.38 -9.56
N TYR B 241 -15.68 6.25 -9.55
CA TYR B 241 -15.88 7.23 -10.60
C TYR B 241 -14.62 8.08 -10.75
N TYR B 242 -14.11 8.54 -9.62
CA TYR B 242 -12.94 9.39 -9.60
C TYR B 242 -11.63 8.74 -10.09
N TYR B 243 -11.31 7.55 -9.56
CA TYR B 243 -10.11 6.82 -9.91
C TYR B 243 -10.14 6.32 -11.39
N ASN B 244 -11.33 5.96 -11.88
CA ASN B 244 -11.45 5.56 -13.26
C ASN B 244 -11.23 6.75 -14.25
N LYS B 245 -11.49 7.99 -13.82
CA LYS B 245 -11.17 9.15 -14.66
C LYS B 245 -9.73 9.65 -14.36
N HIS B 246 -9.21 9.38 -13.16
CA HIS B 246 -7.89 9.88 -12.79
C HIS B 246 -7.20 8.87 -11.83
N PRO B 247 -6.57 7.83 -12.40
CA PRO B 247 -5.91 6.84 -11.52
C PRO B 247 -4.85 7.46 -10.57
N GLU B 248 -4.19 8.55 -10.96
CA GLU B 248 -3.19 9.18 -10.09
C GLU B 248 -3.81 10.15 -9.11
N GLY B 249 -5.13 10.16 -9.07
CA GLY B 249 -5.84 10.96 -8.09
C GLY B 249 -5.63 10.30 -6.70
N SER B 250 -6.07 10.98 -5.63
CA SER B 250 -5.92 10.43 -4.30
C SER B 250 -6.96 11.08 -3.34
N VAL B 251 -7.27 10.35 -2.26
CA VAL B 251 -8.21 10.81 -1.25
C VAL B 251 -7.55 10.70 0.16
N ASN B 252 -7.89 11.62 1.09
CA ASN B 252 -7.37 11.54 2.45
C ASN B 252 -8.22 10.55 3.28
N ASP B 253 -8.15 10.62 4.59
CA ASP B 253 -8.79 9.64 5.48
C ASP B 253 -9.86 10.25 6.37
N ARG B 254 -10.46 11.33 5.91
CA ARG B 254 -11.49 11.95 6.73
C ARG B 254 -12.88 11.65 6.23
N TRP B 255 -13.08 10.51 5.58
CA TRP B 255 -14.40 10.19 5.06
C TRP B 255 -15.17 9.27 6.01
N GLY B 256 -14.46 8.60 6.91
CA GLY B 256 -15.13 7.69 7.81
C GLY B 256 -15.58 6.40 7.12
N VAL B 257 -14.90 6.01 6.04
CA VAL B 257 -15.21 4.73 5.36
C VAL B 257 -13.92 3.89 5.31
N PRO B 258 -14.02 2.63 4.87
CA PRO B 258 -12.81 1.76 4.79
C PRO B 258 -11.62 2.24 3.95
N HIS B 259 -11.88 2.99 2.90
CA HIS B 259 -10.81 3.43 2.03
C HIS B 259 -10.15 4.79 2.24
N TRP B 260 -8.86 4.86 1.96
CA TRP B 260 -8.12 6.13 2.03
C TRP B 260 -6.75 5.87 1.41
N ASP B 261 -6.10 6.89 0.86
CA ASP B 261 -4.78 6.68 0.27
C ASP B 261 -3.69 7.14 1.24
N PHE B 262 -4.02 8.11 2.09
CA PHE B 262 -3.07 8.62 3.10
C PHE B 262 -3.83 9.12 4.30
N LYS B 263 -3.25 9.02 5.49
CA LYS B 263 -3.93 9.49 6.70
C LYS B 263 -3.51 10.91 7.05
N THR B 264 -4.12 11.47 8.08
CA THR B 264 -3.81 12.84 8.45
C THR B 264 -3.64 13.05 9.93
N ALA B 265 -2.99 14.14 10.27
CA ALA B 265 -2.72 14.54 11.65
C ALA B 265 -2.80 16.07 11.57
N GLU B 266 -3.39 16.68 12.62
CA GLU B 266 -3.60 18.12 12.76
C GLU B 266 -3.02 18.66 14.11
N TYR B 267 -2.03 19.56 13.99
CA TYR B 267 -1.27 20.07 15.14
C TYR B 267 -0.86 18.83 15.94
N HIS B 268 -1.09 18.80 17.24
CA HIS B 268 -0.72 17.62 18.02
C HIS B 268 -1.57 16.35 17.78
N VAL B 269 -2.80 16.49 17.26
CA VAL B 269 -3.68 15.34 17.07
C VAL B 269 -3.27 14.29 16.01
N ASN B 270 -3.06 13.07 16.52
CA ASN B 270 -2.61 11.89 15.77
C ASN B 270 -1.20 12.10 15.20
N TYR B 271 -0.42 12.99 15.79
CA TYR B 271 0.95 13.16 15.30
C TYR B 271 1.84 11.95 15.71
N PRO B 272 2.45 11.28 14.74
CA PRO B 272 3.27 10.13 15.15
C PRO B 272 4.62 10.46 15.79
N GLY B 273 5.02 9.63 16.75
CA GLY B 273 6.30 9.82 17.42
C GLY B 273 7.40 9.02 16.72
N ASP B 274 7.03 8.09 15.85
CA ASP B 274 8.02 7.26 15.15
C ASP B 274 7.40 6.83 13.82
N LEU B 275 8.10 6.01 13.02
CA LEU B 275 7.55 5.56 11.75
C LEU B 275 6.15 4.97 11.96
N PRO B 276 5.14 5.44 11.21
CA PRO B 276 3.78 4.90 11.37
C PRO B 276 3.47 3.60 10.62
N GLY B 277 4.11 3.36 9.48
CA GLY B 277 3.80 2.16 8.75
C GLY B 277 2.89 2.36 7.54
N TYR B 278 2.44 3.60 7.32
CA TYR B 278 1.55 3.94 6.19
C TYR B 278 1.82 5.36 5.79
N LYS B 279 1.47 5.74 4.58
CA LYS B 279 1.67 7.16 4.15
C LYS B 279 0.69 8.08 4.90
N TRP B 280 1.15 9.26 5.29
CA TRP B 280 0.32 10.22 6.02
C TRP B 280 0.75 11.68 5.69
N GLU B 281 -0.02 12.64 6.18
CA GLU B 281 0.28 14.03 5.91
C GLU B 281 -0.10 14.89 7.11
N PHE B 282 0.83 15.76 7.49
CA PHE B 282 0.70 16.67 8.63
C PHE B 282 0.18 18.02 8.19
N THR B 283 -0.80 18.56 8.89
CA THR B 283 -1.19 19.86 8.48
C THR B 283 -1.31 20.74 9.70
N ARG B 284 -1.03 22.02 9.45
CA ARG B 284 -1.11 23.10 10.43
C ARG B 284 -0.97 24.47 9.76
N GLY B 285 -1.38 25.50 10.48
CA GLY B 285 -1.21 26.83 9.98
C GLY B 285 0.20 27.33 10.34
N ILE B 286 0.60 28.41 9.67
CA ILE B 286 1.92 29.00 9.95
C ILE B 286 1.80 29.49 11.42
N GLY B 287 0.60 29.95 11.79
CA GLY B 287 0.37 30.33 13.19
C GLY B 287 -0.50 29.22 13.86
N LEU B 288 -1.53 29.67 14.59
CA LEU B 288 -2.45 28.80 15.31
C LEU B 288 -3.86 28.63 14.62
N SER B 289 -4.09 29.33 13.52
CA SER B 289 -5.36 29.32 12.84
C SER B 289 -5.17 28.82 11.41
N PHE B 290 -6.26 28.55 10.69
CA PHE B 290 -6.02 28.18 9.30
C PHE B 290 -6.43 29.40 8.50
N GLY B 291 -7.58 29.98 8.83
CA GLY B 291 -8.00 31.19 8.16
C GLY B 291 -7.19 32.36 8.72
N TYR B 292 -7.11 33.40 7.89
CA TYR B 292 -6.41 34.58 8.31
C TYR B 292 -6.87 35.09 9.70
N ASN B 293 -5.93 35.47 10.54
CA ASN B 293 -6.23 36.03 11.87
C ASN B 293 -5.35 37.28 12.03
N ARG B 294 -5.94 38.47 11.95
CA ARG B 294 -5.18 39.70 12.12
C ARG B 294 -4.65 39.81 13.59
N ASN B 295 -5.11 38.95 14.49
CA ASN B 295 -4.64 38.99 15.88
C ASN B 295 -3.35 38.25 16.08
N GLU B 296 -2.89 37.49 15.11
CA GLU B 296 -1.66 36.79 15.39
C GLU B 296 -0.45 37.65 15.08
N GLY B 297 0.57 37.53 15.92
CA GLY B 297 1.79 38.25 15.66
C GLY B 297 2.85 37.19 15.43
N PRO B 298 4.12 37.61 15.23
CA PRO B 298 5.17 36.61 15.02
C PRO B 298 5.29 35.64 16.23
N GLU B 299 4.81 36.06 17.41
CA GLU B 299 4.86 35.22 18.63
C GLU B 299 3.96 34.00 18.52
N HIS B 300 3.04 34.00 17.58
CA HIS B 300 2.13 32.88 17.43
C HIS B 300 2.51 31.98 16.27
N MET B 301 3.41 32.46 15.44
CA MET B 301 3.82 31.73 14.27
C MET B 301 5.08 30.96 14.51
N LEU B 302 5.31 29.98 13.64
CA LEU B 302 6.49 29.16 13.65
C LEU B 302 7.47 30.05 12.93
N SER B 303 8.75 29.95 13.30
CA SER B 303 9.80 30.73 12.65
C SER B 303 10.28 29.86 11.51
N VAL B 304 10.96 30.45 10.55
CA VAL B 304 11.47 29.64 9.45
C VAL B 304 12.21 28.40 9.96
N GLU B 305 13.06 28.56 10.97
CA GLU B 305 13.81 27.42 11.50
C GLU B 305 12.84 26.31 11.99
N GLN B 306 11.82 26.69 12.74
CA GLN B 306 10.83 25.75 13.24
C GLN B 306 10.09 25.06 12.09
N LEU B 307 9.79 25.82 11.04
CA LEU B 307 9.13 25.25 9.88
C LEU B 307 10.03 24.19 9.26
N VAL B 308 11.31 24.49 9.11
CA VAL B 308 12.22 23.50 8.53
C VAL B 308 12.28 22.23 9.39
N TYR B 309 12.50 22.38 10.69
CA TYR B 309 12.55 21.22 11.57
C TYR B 309 11.23 20.42 11.51
N THR B 310 10.10 21.10 11.30
CA THR B 310 8.83 20.42 11.23
C THR B 310 8.79 19.57 9.97
N LEU B 311 9.15 20.17 8.84
CA LEU B 311 9.18 19.46 7.57
C LEU B 311 10.09 18.22 7.66
N VAL B 312 11.29 18.38 8.20
CA VAL B 312 12.20 17.26 8.30
C VAL B 312 11.63 16.15 9.21
N ASP B 313 11.06 16.55 10.33
CA ASP B 313 10.53 15.55 11.21
C ASP B 313 9.46 14.74 10.50
N VAL B 314 8.54 15.47 9.87
CA VAL B 314 7.47 14.87 9.15
C VAL B 314 7.96 13.93 8.08
N VAL B 315 8.91 14.36 7.26
CA VAL B 315 9.41 13.52 6.15
C VAL B 315 10.18 12.25 6.59
N SER B 316 10.92 12.37 7.69
CA SER B 316 11.70 11.22 8.13
C SER B 316 10.75 10.13 8.61
N LYS B 317 9.52 10.56 8.90
CA LYS B 317 8.48 9.66 9.37
C LYS B 317 7.52 9.21 8.26
N GLY B 318 7.92 9.44 7.03
CA GLY B 318 7.13 9.05 5.89
C GLY B 318 6.00 10.01 5.58
N GLY B 319 5.94 11.15 6.23
CA GLY B 319 4.84 12.03 5.90
C GLY B 319 5.10 13.14 4.87
N ASN B 320 4.02 13.82 4.54
CA ASN B 320 4.08 14.98 3.66
C ASN B 320 3.61 16.07 4.61
N LEU B 321 4.11 17.29 4.41
CA LEU B 321 3.65 18.45 5.19
C LEU B 321 2.72 19.29 4.29
N LEU B 322 1.55 19.62 4.79
CA LEU B 322 0.60 20.41 4.05
C LEU B 322 0.49 21.68 4.92
N LEU B 323 1.30 22.67 4.57
CA LEU B 323 1.34 23.89 5.36
C LEU B 323 0.28 24.86 4.89
N ASN B 324 -0.52 25.33 5.83
CA ASN B 324 -1.60 26.25 5.51
C ASN B 324 -1.23 27.74 5.45
N VAL B 325 -1.77 28.40 4.45
CA VAL B 325 -1.61 29.84 4.23
C VAL B 325 -3.04 30.39 4.38
N GLY B 326 -3.17 31.48 5.15
CA GLY B 326 -4.44 32.17 5.40
C GLY B 326 -4.47 33.56 4.76
N PRO B 327 -4.89 33.65 3.50
CA PRO B 327 -4.96 34.94 2.77
C PRO B 327 -6.02 35.89 3.32
N LYS B 328 -5.89 37.16 2.94
CA LYS B 328 -6.84 38.17 3.38
C LYS B 328 -8.03 38.20 2.43
N GLY B 329 -9.09 38.89 2.86
CA GLY B 329 -10.26 39.06 2.05
C GLY B 329 -9.95 39.68 0.70
N ASP B 330 -8.92 40.55 0.62
CA ASP B 330 -8.61 41.18 -0.69
C ASP B 330 -7.75 40.27 -1.57
N GLY B 331 -7.45 39.09 -1.03
CA GLY B 331 -6.67 38.12 -1.77
C GLY B 331 -5.17 38.23 -1.60
N THR B 332 -4.69 39.08 -0.70
CA THR B 332 -3.26 39.16 -0.53
C THR B 332 -2.84 38.22 0.61
N ILE B 333 -1.59 37.82 0.57
CA ILE B 333 -1.08 36.93 1.58
C ILE B 333 -0.26 37.74 2.53
N PRO B 334 -0.67 37.85 3.80
CA PRO B 334 0.08 38.65 4.80
C PRO B 334 1.60 38.45 4.77
N ASP B 335 2.32 39.55 4.98
CA ASP B 335 3.78 39.51 4.97
C ASP B 335 4.44 38.49 5.92
N LEU B 336 3.92 38.36 7.14
CA LEU B 336 4.50 37.39 8.07
C LEU B 336 4.51 36.01 7.45
N GLN B 337 3.41 35.68 6.76
CA GLN B 337 3.32 34.39 6.12
C GLN B 337 4.19 34.26 4.89
N LYS B 338 4.19 35.28 4.03
CA LYS B 338 5.01 35.26 2.81
C LYS B 338 6.50 35.07 3.14
N GLU B 339 7.00 35.71 4.18
CA GLU B 339 8.41 35.60 4.55
C GLU B 339 8.79 34.20 4.99
N ARG B 340 7.95 33.60 5.82
CA ARG B 340 8.21 32.25 6.25
C ARG B 340 8.11 31.28 5.05
N LEU B 341 7.15 31.49 4.14
CA LEU B 341 7.09 30.61 2.95
C LEU B 341 8.39 30.69 2.19
N LEU B 342 8.88 31.91 2.03
CA LEU B 342 10.12 32.19 1.32
C LEU B 342 11.34 31.62 2.05
N GLY B 343 11.38 31.81 3.37
CA GLY B 343 12.48 31.28 4.15
C GLY B 343 12.62 29.78 3.88
N LEU B 344 11.49 29.07 3.93
CA LEU B 344 11.43 27.63 3.70
C LEU B 344 11.82 27.30 2.27
N GLY B 345 11.32 28.08 1.32
CA GLY B 345 11.68 27.82 -0.08
C GLY B 345 13.19 27.88 -0.27
N GLU B 346 13.86 28.83 0.39
CA GLU B 346 15.33 29.00 0.37
C GLU B 346 16.03 27.76 0.92
N TRP B 347 15.60 27.29 2.09
CA TRP B 347 16.21 26.10 2.68
C TRP B 347 16.04 24.88 1.76
N LEU B 348 14.86 24.75 1.16
CA LEU B 348 14.57 23.63 0.24
C LEU B 348 15.39 23.69 -1.05
N ARG B 349 15.74 24.90 -1.48
CA ARG B 349 16.54 25.07 -2.69
C ARG B 349 17.94 24.46 -2.45
N LYS B 350 18.46 24.68 -1.24
CA LYS B 350 19.75 24.13 -0.88
C LYS B 350 19.68 22.64 -0.52
N TYR B 351 18.74 22.26 0.36
CA TYR B 351 18.66 20.86 0.83
C TYR B 351 17.62 19.91 0.22
N GLY B 352 16.86 20.40 -0.76
CA GLY B 352 15.82 19.58 -1.36
C GLY B 352 16.10 18.15 -1.77
N ASP B 353 17.32 17.89 -2.17
CA ASP B 353 17.68 16.56 -2.63
C ASP B 353 17.63 15.50 -1.49
N ALA B 354 17.68 15.93 -0.25
CA ALA B 354 17.60 15.00 0.89
C ALA B 354 16.12 14.91 1.40
N ILE B 355 15.18 15.51 0.67
CA ILE B 355 13.74 15.53 1.03
C ILE B 355 12.84 14.96 -0.08
N TYR B 356 12.72 15.69 -1.19
CA TYR B 356 11.89 15.24 -2.30
C TYR B 356 12.37 13.88 -2.82
N GLY B 357 11.44 12.97 -3.06
CA GLY B 357 11.82 11.69 -3.58
C GLY B 357 12.46 10.72 -2.60
N THR B 358 12.53 11.07 -1.31
CA THR B 358 13.15 10.16 -0.33
C THR B 358 12.15 9.17 0.28
N SER B 359 12.72 8.18 0.96
CA SER B 359 11.96 7.16 1.65
C SER B 359 12.41 7.20 3.08
N VAL B 360 11.72 6.47 3.92
CA VAL B 360 12.09 6.41 5.31
C VAL B 360 13.25 5.40 5.40
N TRP B 361 14.05 5.52 6.46
CA TRP B 361 15.15 4.62 6.68
C TRP B 361 14.72 3.61 7.77
N GLU B 362 15.67 2.85 8.32
CA GLU B 362 15.35 1.87 9.37
C GLU B 362 14.78 2.59 10.58
N ARG B 363 15.25 3.80 10.83
CA ARG B 363 14.77 4.57 11.95
C ARG B 363 14.67 6.01 11.49
N CYS B 364 13.77 6.76 12.13
CA CYS B 364 13.53 8.14 11.78
C CYS B 364 14.38 9.10 12.57
N CYS B 365 14.78 8.64 13.74
CA CYS B 365 15.37 9.56 14.69
C CYS B 365 16.62 9.19 15.49
N ALA B 366 17.29 10.22 15.99
CA ALA B 366 18.50 10.06 16.78
C ALA B 366 18.84 11.37 17.45
N LYS B 367 19.95 11.39 18.17
CA LYS B 367 20.40 12.63 18.81
C LYS B 367 21.88 12.60 19.23
N THR B 368 22.48 13.78 19.27
CA THR B 368 23.89 13.93 19.64
C THR B 368 23.99 13.92 21.15
N GLU B 369 25.16 13.51 21.63
CA GLU B 369 25.45 13.48 23.05
C GLU B 369 25.03 14.77 23.74
N ASP B 370 25.06 15.88 23.03
CA ASP B 370 24.66 17.16 23.61
C ASP B 370 23.16 17.53 23.47
N GLY B 371 22.33 16.62 22.96
CA GLY B 371 20.91 16.93 22.84
C GLY B 371 20.43 17.56 21.53
N THR B 372 21.22 17.42 20.46
CA THR B 372 20.77 17.96 19.19
C THR B 372 20.01 16.83 18.50
N GLU B 373 18.75 17.10 18.20
CA GLU B 373 17.93 16.11 17.53
C GLU B 373 18.35 15.90 16.08
N ILE B 374 18.26 14.63 15.64
CA ILE B 374 18.61 14.23 14.27
C ILE B 374 17.47 13.41 13.58
N ARG B 375 17.38 13.51 12.26
CA ARG B 375 16.36 12.77 11.55
C ARG B 375 17.04 12.19 10.35
N PHE B 376 16.51 11.10 9.79
CA PHE B 376 17.09 10.44 8.62
C PHE B 376 16.10 10.25 7.48
N THR B 377 16.60 10.28 6.24
CA THR B 377 15.77 10.02 5.07
C THR B 377 16.66 9.20 4.17
N ARG B 378 16.09 8.64 3.12
CA ARG B 378 16.87 7.77 2.28
C ARG B 378 16.50 7.83 0.79
N LYS B 379 17.50 7.53 -0.05
CA LYS B 379 17.36 7.43 -1.51
C LYS B 379 18.31 6.30 -1.85
N CYS B 380 17.71 5.13 -1.98
CA CYS B 380 18.45 3.92 -2.26
C CYS B 380 19.54 3.70 -1.23
N ASN B 381 20.80 3.71 -1.68
CA ASN B 381 21.97 3.49 -0.83
C ASN B 381 22.46 4.72 -0.07
N ARG B 382 21.90 5.89 -0.39
CA ARG B 382 22.30 7.13 0.26
C ARG B 382 21.41 7.38 1.47
N ILE B 383 22.00 7.71 2.60
CA ILE B 383 21.25 8.00 3.79
C ILE B 383 21.51 9.46 4.20
N PHE B 384 20.45 10.26 4.31
CA PHE B 384 20.67 11.61 4.71
C PHE B 384 20.53 11.68 6.20
N VAL B 385 21.46 12.38 6.85
CA VAL B 385 21.49 12.57 8.29
C VAL B 385 21.31 14.06 8.41
N ILE B 386 20.15 14.46 8.91
CA ILE B 386 19.76 15.86 9.05
C ILE B 386 19.62 16.26 10.49
N PHE B 387 20.44 17.23 10.92
CA PHE B 387 20.47 17.71 12.30
C PHE B 387 19.49 18.83 12.44
N LEU B 388 18.78 18.90 13.55
CA LEU B 388 17.85 19.99 13.68
C LEU B 388 18.60 21.11 14.39
N GLY B 389 19.49 21.71 13.62
CA GLY B 389 20.31 22.79 14.12
C GLY B 389 21.71 22.57 13.57
N ILE B 390 22.64 23.41 13.98
CA ILE B 390 24.02 23.22 13.53
C ILE B 390 24.90 23.17 14.76
N PRO B 391 25.51 22.02 14.98
CA PRO B 391 26.40 21.82 16.13
C PRO B 391 27.53 22.88 16.16
N THR B 392 27.92 23.28 17.37
CA THR B 392 28.98 24.26 17.56
C THR B 392 30.38 23.63 17.36
N GLY B 393 30.64 22.52 18.04
CA GLY B 393 31.94 21.87 17.96
C GLY B 393 32.15 20.97 16.75
N GLU B 394 33.40 20.81 16.35
CA GLU B 394 33.74 19.99 15.20
C GLU B 394 33.54 18.52 15.52
N LYS B 395 33.60 18.21 16.81
CA LYS B 395 33.44 16.81 17.17
C LYS B 395 31.96 16.51 17.48
N ILE B 396 31.40 15.59 16.69
CA ILE B 396 30.02 15.24 16.85
C ILE B 396 29.85 13.80 17.27
N VAL B 397 29.14 13.62 18.39
CA VAL B 397 28.87 12.29 18.94
C VAL B 397 27.37 11.90 18.86
N ILE B 398 27.04 11.01 17.93
CA ILE B 398 25.66 10.56 17.79
C ILE B 398 25.45 9.33 18.64
N GLU B 399 24.47 9.41 19.54
CA GLU B 399 24.15 8.32 20.43
C GLU B 399 23.43 7.15 19.80
N ASP B 400 23.77 5.94 20.24
CA ASP B 400 23.07 4.74 19.81
C ASP B 400 23.00 4.44 18.33
N LEU B 401 24.06 4.83 17.61
CA LEU B 401 24.11 4.62 16.18
C LEU B 401 25.45 4.14 15.68
N ASN B 402 25.41 3.14 14.80
CA ASN B 402 26.60 2.57 14.17
C ASN B 402 26.36 2.47 12.66
N LEU B 403 27.32 2.88 11.84
CA LEU B 403 27.14 2.80 10.38
C LEU B 403 28.05 1.78 9.74
N SER B 404 27.56 1.17 8.67
CA SER B 404 28.35 0.17 7.96
C SER B 404 28.63 0.68 6.55
N ALA B 405 28.61 2.00 6.40
CA ALA B 405 28.82 2.66 5.12
C ALA B 405 30.30 2.81 4.72
N GLY B 406 31.14 3.20 5.66
CA GLY B 406 32.54 3.37 5.30
C GLY B 406 32.82 4.75 4.70
N THR B 407 31.77 5.41 4.22
CA THR B 407 31.92 6.74 3.65
C THR B 407 30.72 7.64 4.05
N VAL B 408 31.05 8.80 4.62
CA VAL B 408 30.11 9.82 5.11
C VAL B 408 30.56 11.20 4.62
N ARG B 409 29.76 11.84 3.76
CA ARG B 409 30.12 13.14 3.19
C ARG B 409 29.36 14.31 3.80
N HIS B 410 29.88 15.52 3.67
CA HIS B 410 29.13 16.65 4.18
C HIS B 410 28.37 17.11 2.94
N PHE B 411 27.05 16.90 2.98
CA PHE B 411 26.07 17.16 1.92
C PHE B 411 26.21 18.35 0.97
N LEU B 412 26.28 19.57 1.49
CA LEU B 412 26.38 20.75 0.62
C LEU B 412 27.67 20.83 -0.22
N THR B 413 28.80 20.58 0.43
CA THR B 413 30.14 20.63 -0.18
C THR B 413 30.53 19.29 -0.82
N GLY B 414 29.97 18.22 -0.29
CA GLY B 414 30.26 16.89 -0.79
C GLY B 414 31.55 16.36 -0.20
N GLU B 415 32.16 17.12 0.71
CA GLU B 415 33.43 16.70 1.30
C GLU B 415 33.41 15.48 2.22
N ARG B 416 34.12 14.43 1.82
CA ARG B 416 34.27 13.19 2.60
C ARG B 416 34.66 13.55 4.03
N LEU B 417 34.05 12.90 5.02
CA LEU B 417 34.38 13.19 6.41
C LEU B 417 34.95 11.98 7.14
N SER B 418 35.57 12.26 8.28
CA SER B 418 36.16 11.23 9.13
C SER B 418 35.20 10.75 10.19
N PHE B 419 35.00 9.44 10.23
CA PHE B 419 34.11 8.88 11.22
C PHE B 419 34.49 7.47 11.64
N LYS B 420 33.93 7.06 12.77
CA LYS B 420 34.12 5.71 13.31
C LYS B 420 33.09 5.39 14.41
N ASN B 421 32.68 4.12 14.45
CA ASN B 421 31.74 3.64 15.46
C ASN B 421 32.54 3.37 16.73
N VAL B 422 32.31 4.22 17.73
CA VAL B 422 32.97 4.12 19.03
C VAL B 422 31.97 3.47 20.00
N GLY B 423 31.94 2.16 20.01
CA GLY B 423 31.02 1.50 20.91
C GLY B 423 29.60 1.52 20.42
N LYS B 424 28.70 2.05 21.25
CA LYS B 424 27.29 2.10 20.88
C LYS B 424 26.95 3.41 20.17
N ASN B 425 27.97 4.26 20.05
CA ASN B 425 27.86 5.56 19.40
C ASN B 425 28.58 5.66 18.03
N LEU B 426 28.45 6.80 17.38
CA LEU B 426 29.08 7.07 16.09
C LEU B 426 29.71 8.43 16.23
N GLU B 427 30.98 8.54 15.87
CA GLU B 427 31.70 9.81 15.96
C GLU B 427 32.13 10.30 14.60
N ILE B 428 31.91 11.59 14.38
CA ILE B 428 32.25 12.24 13.12
C ILE B 428 32.89 13.58 13.43
N THR B 429 33.81 13.98 12.58
CA THR B 429 34.48 15.27 12.75
C THR B 429 34.01 16.14 11.59
N VAL B 430 33.40 17.25 11.94
CA VAL B 430 32.90 18.15 10.92
C VAL B 430 33.70 19.45 10.99
N PRO B 431 34.57 19.68 10.00
CA PRO B 431 35.42 20.88 9.91
C PRO B 431 34.55 22.15 9.99
N LYS B 432 34.85 22.99 10.99
CA LYS B 432 34.13 24.21 11.22
C LYS B 432 33.83 24.97 9.91
N LYS B 433 34.73 24.90 8.93
CA LYS B 433 34.50 25.58 7.67
C LYS B 433 33.19 25.10 7.08
N LEU B 434 32.98 23.78 7.09
CA LEU B 434 31.75 23.20 6.57
C LEU B 434 30.59 23.59 7.47
N LEU B 435 30.72 23.30 8.75
CA LEU B 435 29.69 23.67 9.68
C LEU B 435 29.25 25.11 9.44
N GLU B 436 30.10 25.94 8.88
CA GLU B 436 29.67 27.32 8.70
C GLU B 436 28.99 27.55 7.39
N THR B 437 29.10 26.57 6.51
CA THR B 437 28.46 26.67 5.22
C THR B 437 26.92 26.40 5.32
N ASP B 438 26.52 25.48 6.19
CA ASP B 438 25.12 25.12 6.36
C ASP B 438 24.22 26.21 6.85
N SER B 439 22.97 26.15 6.45
CA SER B 439 22.03 27.19 6.82
C SER B 439 21.19 26.95 8.07
N ILE B 440 20.36 25.94 8.11
CA ILE B 440 19.60 25.81 9.36
C ILE B 440 19.85 24.44 10.02
N THR B 441 20.25 23.52 9.17
CA THR B 441 20.50 22.18 9.53
C THR B 441 21.84 21.76 8.98
N LEU B 442 22.60 21.05 9.81
CA LEU B 442 23.84 20.48 9.37
C LEU B 442 23.33 19.23 8.67
N VAL B 443 23.72 18.97 7.43
CA VAL B 443 23.24 17.77 6.78
C VAL B 443 24.39 16.93 6.32
N LEU B 444 24.34 15.62 6.62
CA LEU B 444 25.37 14.71 6.20
C LEU B 444 24.79 13.64 5.30
N GLU B 445 25.61 13.01 4.50
CA GLU B 445 25.14 11.96 3.63
C GLU B 445 26.08 10.78 3.81
N ALA B 446 25.51 9.62 4.13
CA ALA B 446 26.27 8.40 4.32
C ALA B 446 25.92 7.56 3.15
N VAL B 447 26.84 6.69 2.73
CA VAL B 447 26.62 5.84 1.56
C VAL B 447 27.12 4.42 1.81
CAJ ZX8 C . -9.63 -19.10 -7.83
CAQ ZX8 C . -9.16 -17.87 -8.06
CAH ZX8 C . -8.35 -17.36 -9.06
CAF ZX8 C . -7.90 -16.04 -8.97
CAG ZX8 C . -8.25 -15.24 -7.90
CAI ZX8 C . -9.08 -15.74 -6.91
CAR ZX8 C . -9.53 -17.06 -6.99
OAN ZX8 C . -10.23 -17.83 -6.12
CAP ZX8 C . -10.25 -19.09 -6.65
CAO ZX8 C . -10.54 -20.31 -5.78
OAB ZX8 C . -11.31 -20.20 -4.84
NAL ZX8 C . -9.87 -21.42 -6.09
CAK ZX8 C . -10.02 -22.67 -5.32
CAT ZX8 C . -8.87 -23.64 -5.63
NAM ZX8 C . -7.58 -23.09 -5.18
CAS ZX8 C . -6.48 -24.00 -5.54
CAA ZX8 C . -5.16 -23.37 -5.08
CAU ZX8 C . -6.65 -25.40 -4.95
OAC ZX8 C . -6.64 -25.36 -3.52
CAW ZX8 C . -7.99 -25.96 -5.40
OAE ZX8 C . -8.24 -27.25 -4.84
CAV ZX8 C . -9.08 -24.99 -4.94
OAD ZX8 C . -10.36 -25.53 -5.26
CAJ ZX8 D . -9.02 16.59 12.82
CAQ ZX8 D . -8.24 15.51 12.76
CAH ZX8 D . -6.97 15.24 13.29
CAF ZX8 D . -6.35 14.03 13.04
CAG ZX8 D . -6.99 13.07 12.26
CAI ZX8 D . -8.24 13.33 11.72
CAR ZX8 D . -8.87 14.54 11.99
OAN ZX8 D . -10.06 15.07 11.59
CAP ZX8 D . -10.11 16.33 12.10
CAO ZX8 D . -11.11 17.37 11.61
OAB ZX8 D . -12.15 17.04 11.08
NAL ZX8 D . -10.71 18.65 11.73
CAK ZX8 D . -11.53 19.78 11.30
CAT ZX8 D . -10.63 21.00 11.08
NAM ZX8 D . -9.68 20.74 9.99
CAS ZX8 D . -8.75 21.86 9.82
CAA ZX8 D . -7.77 21.52 8.69
CAU ZX8 D . -9.49 23.17 9.53
OAC ZX8 D . -10.20 23.12 8.28
CAW ZX8 D . -10.53 23.44 10.62
OAE ZX8 D . -11.29 24.58 10.26
CAV ZX8 D . -11.46 22.24 10.71
OAD ZX8 D . -12.50 22.48 11.67
#